data_5WS0
#
_entry.id   5WS0
#
_cell.length_a   48.590
_cell.length_b   92.110
_cell.length_c   163.730
_cell.angle_alpha   90.00
_cell.angle_beta   90.00
_cell.angle_gamma   90.00
#
_symmetry.space_group_name_H-M   'P 21 21 21'
#
loop_
_entity.id
_entity.type
_entity.pdbx_description
1 polymer 'Poly [ADP-ribose] polymerase 1'
2 non-polymer 2-piperazin-1-ylcarbonyl-1H-benzimidazole-4-carboxamide
#
_entity_poly.entity_id   1
_entity_poly.type   'polypeptide(L)'
_entity_poly.pdbx_seq_one_letter_code
;HMKSKLPKPVQDLIKMIFDVESMKKAMVEYEIDLQKMPLGKLSKRQIQAAYSILSEVQQAVSQGSSDSQILDLSNRFYTL
IPHDFGMKKPPLLNNADSVQAKAEMLDNLLDIEVAYSLLRGGSDDSSKDPIDVNYEKLKTDIKVVDRDSEEAEIIRKYVK
NTHATTHNAYDLEVIDIFKIEREGECQRYKPFKQLHNRRLLWHGSRTTNFAGILSQGLRIAPPEAPVTGYMFGKGIYFAD
MVSKSANYCHTSQGDPIGLILLGEVALGNMYELKHASHISKLPKGKHSVKGLGKTTPDPSANISLDGVDVPLGTGISSGV
NDTSLLYNEYIVYDIAQVNLKYLLKLKFNFKT
;
_entity_poly.pdbx_strand_id   A,B
#
loop_
_chem_comp.id
_chem_comp.type
_chem_comp.name
_chem_comp.formula
7U6 non-polymer 2-piperazin-1-ylcarbonyl-1H-benzimidazole-4-carboxamide 'C13 H15 N5 O2'
#
# COMPACT_ATOMS: atom_id res chain seq x y z
N HIS A 1 6.45 17.67 51.99
CA HIS A 1 6.08 16.21 51.88
C HIS A 1 7.19 15.29 52.41
N MET A 2 6.85 14.02 52.58
CA MET A 2 7.77 12.98 53.08
C MET A 2 8.94 12.65 52.11
N LYS A 3 8.97 13.23 50.90
CA LYS A 3 10.19 13.36 50.05
C LYS A 3 10.58 12.16 49.13
N SER A 4 9.86 11.04 49.19
CA SER A 4 9.97 9.93 48.19
C SER A 4 11.23 9.08 48.23
N LYS A 5 11.04 7.80 48.53
CA LYS A 5 12.13 6.85 48.62
C LYS A 5 12.52 6.22 47.27
N LEU A 6 11.84 6.60 46.17
CA LEU A 6 12.22 6.14 44.84
C LEU A 6 13.66 6.56 44.47
N PRO A 7 14.39 5.69 43.73
CA PRO A 7 15.74 6.06 43.30
C PRO A 7 15.75 7.24 42.35
N LYS A 8 16.81 8.03 42.39
CA LYS A 8 16.89 9.27 41.64
C LYS A 8 16.52 9.09 40.18
N PRO A 9 17.15 8.14 39.48
CA PRO A 9 16.82 7.97 38.08
C PRO A 9 15.33 7.76 37.81
N VAL A 10 14.66 7.03 38.69
CA VAL A 10 13.22 6.77 38.56
C VAL A 10 12.42 8.06 38.77
N GLN A 11 12.75 8.83 39.81
CA GLN A 11 12.10 10.14 40.00
C GLN A 11 12.29 11.08 38.79
N ASP A 12 13.48 11.09 38.19
CA ASP A 12 13.72 11.90 36.99
C ASP A 12 12.85 11.46 35.83
N LEU A 13 12.75 10.14 35.62
CA LEU A 13 11.85 9.63 34.58
C LEU A 13 10.39 10.11 34.74
N ILE A 14 9.89 10.04 35.97
CA ILE A 14 8.53 10.45 36.26
C ILE A 14 8.31 11.97 36.00
N LYS A 15 9.27 12.81 36.42
CA LYS A 15 9.30 14.24 36.03
C LYS A 15 9.22 14.40 34.52
N MET A 16 10.02 13.60 33.80
CA MET A 16 10.15 13.73 32.35
C MET A 16 8.82 13.41 31.67
N ILE A 17 8.24 12.28 32.06
CA ILE A 17 7.05 11.81 31.36
C ILE A 17 5.77 12.49 31.77
N PHE A 18 5.67 13.06 32.96
CA PHE A 18 4.48 13.85 33.29
C PHE A 18 4.67 15.36 33.14
N ASP A 19 5.69 15.78 32.42
CA ASP A 19 5.89 17.20 32.22
C ASP A 19 4.78 17.85 31.35
N VAL A 20 4.01 18.74 31.96
CA VAL A 20 2.90 19.42 31.30
C VAL A 20 3.41 20.38 30.22
N GLU A 21 4.56 20.98 30.46
CA GLU A 21 5.18 21.87 29.46
C GLU A 21 5.64 21.17 28.16
N SER A 22 6.10 19.94 28.28
CA SER A 22 6.49 19.16 27.12
C SER A 22 5.27 18.71 26.32
N MET A 23 4.15 18.46 27.02
CA MET A 23 2.88 18.19 26.35
C MET A 23 2.44 19.38 25.52
N LYS A 24 2.51 20.57 26.10
CA LYS A 24 2.14 21.78 25.38
C LYS A 24 3.12 22.06 24.27
N LYS A 25 4.41 21.90 24.53
CA LYS A 25 5.42 22.07 23.48
C LYS A 25 5.17 21.16 22.29
N ALA A 26 4.76 19.93 22.55
CA ALA A 26 4.45 18.98 21.50
C ALA A 26 3.24 19.45 20.68
N MET A 27 2.19 19.81 21.37
CA MET A 27 1.03 20.39 20.69
C MET A 27 1.42 21.56 19.78
N VAL A 28 2.16 22.56 20.26
CA VAL A 28 2.49 23.65 19.35
C VAL A 28 3.48 23.23 18.24
N GLU A 29 4.26 22.15 18.42
CA GLU A 29 5.02 21.56 17.29
C GLU A 29 4.10 21.11 16.15
N TYR A 30 2.91 20.65 16.50
CA TYR A 30 1.89 20.21 15.52
C TYR A 30 0.98 21.33 14.98
N GLU A 31 1.19 22.55 15.46
CA GLU A 31 0.51 23.78 15.00
C GLU A 31 -0.92 23.94 15.52
N ILE A 32 -1.24 23.19 16.58
CA ILE A 32 -2.54 23.21 17.24
C ILE A 32 -2.76 24.51 18.00
N ASP A 33 -3.95 25.07 17.89
CA ASP A 33 -4.25 26.30 18.58
C ASP A 33 -4.66 25.99 19.99
N LEU A 34 -3.76 26.26 20.94
CA LEU A 34 -4.04 26.08 22.38
C LEU A 34 -5.02 27.08 22.96
N GLN A 35 -5.14 28.23 22.32
CA GLN A 35 -6.27 29.11 22.58
C GLN A 35 -7.59 28.37 22.31
N LYS A 36 -7.70 27.68 21.18
CA LYS A 36 -8.95 27.00 20.82
C LYS A 36 -9.06 25.53 21.26
N MET A 37 -7.92 24.85 21.41
CA MET A 37 -7.83 23.43 21.82
C MET A 37 -6.74 23.30 22.89
N PRO A 38 -6.98 23.85 24.09
CA PRO A 38 -5.99 23.72 25.14
C PRO A 38 -5.87 22.29 25.63
N LEU A 39 -4.79 22.02 26.32
CA LEU A 39 -4.45 20.68 26.79
C LEU A 39 -5.59 19.99 27.53
N GLY A 40 -6.21 20.70 28.49
CA GLY A 40 -7.36 20.21 29.26
C GLY A 40 -8.67 19.98 28.52
N LYS A 41 -8.81 20.46 27.28
CA LYS A 41 -10.03 20.23 26.46
C LYS A 41 -9.92 19.09 25.44
N LEU A 42 -8.74 18.50 25.39
CA LEU A 42 -8.48 17.34 24.56
C LEU A 42 -9.32 16.21 25.08
N SER A 43 -9.82 15.36 24.19
CA SER A 43 -10.78 14.30 24.54
C SER A 43 -10.79 13.24 23.44
N LYS A 44 -11.00 12.00 23.86
CA LYS A 44 -10.97 10.86 22.95
C LYS A 44 -11.91 10.98 21.76
N ARG A 45 -13.09 11.52 21.98
CA ARG A 45 -14.14 11.49 20.97
C ARG A 45 -13.90 12.54 19.89
N GLN A 46 -13.26 13.66 20.23
CA GLN A 46 -12.83 14.64 19.25
C GLN A 46 -11.66 14.12 18.38
N ILE A 47 -10.71 13.48 19.05
CA ILE A 47 -9.61 12.82 18.35
C ILE A 47 -10.16 11.75 17.41
N GLN A 48 -11.12 10.95 17.90
CA GLN A 48 -11.81 9.93 17.07
C GLN A 48 -12.53 10.49 15.87
N ALA A 49 -13.21 11.61 16.06
CA ALA A 49 -13.95 12.25 15.01
C ALA A 49 -12.99 12.73 13.92
N ALA A 50 -11.93 13.39 14.36
CA ALA A 50 -10.82 13.81 13.50
C ALA A 50 -10.22 12.65 12.72
N TYR A 51 -10.04 11.52 13.38
CA TYR A 51 -9.58 10.34 12.68
C TYR A 51 -10.50 9.96 11.51
N SER A 52 -11.81 9.97 11.73
CA SER A 52 -12.74 9.61 10.66
C SER A 52 -12.67 10.56 9.44
N ILE A 53 -12.57 11.87 9.70
CA ILE A 53 -12.47 12.83 8.61
C ILE A 53 -11.19 12.60 7.83
N LEU A 54 -10.13 12.31 8.54
CA LEU A 54 -8.88 11.93 7.93
C LEU A 54 -9.04 10.70 7.03
N SER A 55 -9.84 9.74 7.45
CA SER A 55 -10.14 8.56 6.65
C SER A 55 -10.98 8.97 5.43
N GLU A 56 -11.89 9.94 5.59
CA GLU A 56 -12.57 10.58 4.43
C GLU A 56 -11.55 11.21 3.48
N VAL A 57 -10.62 11.99 3.99
CA VAL A 57 -9.59 12.59 3.12
C VAL A 57 -8.80 11.48 2.42
N GLN A 58 -8.51 10.39 3.14
CA GLN A 58 -7.86 9.19 2.58
C GLN A 58 -8.66 8.69 1.38
N GLN A 59 -9.95 8.47 1.60
CA GLN A 59 -10.91 8.04 0.57
C GLN A 59 -10.85 8.92 -0.69
N ALA A 60 -10.87 10.24 -0.53
CA ALA A 60 -10.84 11.16 -1.68
C ALA A 60 -9.52 11.14 -2.40
N VAL A 61 -8.43 10.89 -1.69
CA VAL A 61 -7.10 10.77 -2.29
C VAL A 61 -6.92 9.45 -3.05
N SER A 62 -7.33 8.32 -2.46
CA SER A 62 -7.36 7.03 -3.15
C SER A 62 -7.98 7.13 -4.55
N GLN A 63 -9.11 7.82 -4.66
CA GLN A 63 -9.86 7.89 -5.91
C GLN A 63 -9.81 9.25 -6.63
N GLY A 64 -8.74 10.03 -6.45
CA GLY A 64 -8.56 11.33 -7.15
C GLY A 64 -9.71 12.33 -7.01
N SER A 66 -10.33 15.50 -6.86
CA SER A 66 -10.20 16.89 -7.34
C SER A 66 -9.55 17.78 -6.26
N ASP A 67 -9.24 19.02 -6.57
CA ASP A 67 -8.77 19.96 -5.53
C ASP A 67 -9.88 20.87 -5.01
N SER A 68 -11.08 20.76 -5.58
CA SER A 68 -12.28 21.40 -5.04
C SER A 68 -13.07 20.42 -4.17
N GLN A 69 -13.19 19.16 -4.57
CA GLN A 69 -13.91 18.14 -3.75
C GLN A 69 -13.06 17.64 -2.56
N ILE A 70 -11.75 17.93 -2.56
CA ILE A 70 -10.89 17.76 -1.39
C ILE A 70 -11.10 18.86 -0.35
N LEU A 71 -11.13 20.11 -0.80
CA LEU A 71 -11.18 21.29 0.09
C LEU A 71 -12.10 21.15 1.27
N ASP A 72 -13.28 20.60 1.04
CA ASP A 72 -14.28 20.49 2.08
C ASP A 72 -13.84 19.48 3.11
N LEU A 73 -13.21 18.40 2.68
CA LEU A 73 -12.76 17.35 3.58
C LEU A 73 -11.60 17.85 4.40
N SER A 74 -10.73 18.61 3.75
CA SER A 74 -9.60 19.19 4.44
C SER A 74 -10.14 20.13 5.52
N ASN A 75 -11.06 21.00 5.12
CA ASN A 75 -11.61 21.98 6.04
C ASN A 75 -12.36 21.39 7.23
N ARG A 76 -12.99 20.24 7.02
CA ARG A 76 -13.69 19.58 8.09
C ARG A 76 -12.69 19.10 9.10
N PHE A 77 -11.53 18.64 8.64
CA PHE A 77 -10.47 18.20 9.56
C PHE A 77 -10.04 19.34 10.45
N TYR A 78 -9.86 20.49 9.85
CA TYR A 78 -9.43 21.67 10.59
C TYR A 78 -10.50 22.21 11.54
N THR A 79 -11.75 21.92 11.23
CA THR A 79 -12.84 22.22 12.10
C THR A 79 -12.76 21.41 13.41
N LEU A 80 -12.31 20.16 13.35
CA LEU A 80 -12.32 19.29 14.53
C LEU A 80 -11.11 19.45 15.44
N ILE A 81 -9.92 19.55 14.84
CA ILE A 81 -8.71 19.89 15.56
C ILE A 81 -8.28 21.28 15.10
N PRO A 82 -8.56 22.32 15.91
CA PRO A 82 -8.18 23.68 15.48
C PRO A 82 -6.66 23.95 15.46
N HIS A 83 -6.14 24.38 14.31
CA HIS A 83 -4.74 24.72 14.13
C HIS A 83 -4.57 26.25 14.25
N ASP A 84 -3.31 26.69 14.31
CA ASP A 84 -2.94 28.09 14.56
C ASP A 84 -2.35 28.67 13.28
N PHE A 85 -3.24 29.23 12.46
CA PHE A 85 -2.86 29.86 11.21
C PHE A 85 -3.43 31.27 11.10
N GLY A 86 -3.82 31.87 12.23
CA GLY A 86 -4.33 33.25 12.23
C GLY A 86 -5.56 33.41 11.36
N MET A 87 -5.53 34.40 10.47
CA MET A 87 -6.62 34.65 9.52
C MET A 87 -6.33 34.06 8.12
N LYS A 88 -5.32 33.19 8.10
CA LYS A 88 -5.26 31.90 7.36
C LYS A 88 -5.78 31.70 5.95
N LYS A 89 -6.63 30.68 5.78
CA LYS A 89 -6.54 29.61 4.78
C LYS A 89 -5.37 28.73 5.15
N PRO A 90 -5.67 27.55 5.74
CA PRO A 90 -4.63 26.61 6.12
C PRO A 90 -4.18 25.82 4.93
N PRO A 91 -3.03 25.17 5.01
CA PRO A 91 -2.62 24.39 3.87
C PRO A 91 -3.62 23.26 3.64
N LEU A 92 -3.88 22.98 2.38
CA LEU A 92 -4.77 21.92 1.94
C LEU A 92 -4.18 20.54 2.24
N LEU A 93 -4.98 19.64 2.79
CA LEU A 93 -4.60 18.25 2.99
C LEU A 93 -5.02 17.49 1.74
N ASN A 94 -4.10 17.37 0.78
CA ASN A 94 -4.44 16.77 -0.51
C ASN A 94 -3.67 15.53 -0.93
N ASN A 95 -2.66 15.10 -0.18
CA ASN A 95 -1.86 13.94 -0.59
C ASN A 95 -1.70 12.93 0.54
N ALA A 96 -1.10 11.79 0.21
CA ALA A 96 -0.87 10.71 1.15
C ALA A 96 0.05 11.11 2.33
N ASP A 97 0.97 12.05 2.10
CA ASP A 97 1.86 12.53 3.16
C ASP A 97 1.11 13.33 4.21
N SER A 98 0.22 14.21 3.76
CA SER A 98 -0.69 14.93 4.63
C SER A 98 -1.51 13.98 5.54
N VAL A 99 -1.92 12.85 5.00
CA VAL A 99 -2.65 11.87 5.78
C VAL A 99 -1.77 11.20 6.85
N GLN A 100 -0.58 10.75 6.46
CA GLN A 100 0.39 10.20 7.42
C GLN A 100 0.67 11.20 8.54
N ALA A 101 1.05 12.41 8.15
CA ALA A 101 1.39 13.45 9.12
C ALA A 101 0.31 13.65 10.18
N LYS A 102 -0.93 13.80 9.73
CA LYS A 102 -2.00 14.09 10.67
C LYS A 102 -2.40 12.93 11.51
N ALA A 103 -2.19 11.72 11.01
CA ALA A 103 -2.45 10.53 11.79
C ALA A 103 -1.37 10.25 12.81
N GLU A 104 -0.12 10.69 12.53
CA GLU A 104 0.95 10.65 13.52
C GLU A 104 0.63 11.63 14.62
N MET A 105 0.10 12.80 14.26
CA MET A 105 -0.24 13.78 15.25
C MET A 105 -1.36 13.28 16.14
N LEU A 106 -2.39 12.72 15.54
CA LEU A 106 -3.54 12.27 16.30
C LEU A 106 -3.15 11.18 17.30
N ASP A 107 -2.32 10.22 16.86
CA ASP A 107 -1.68 9.21 17.73
C ASP A 107 -1.16 9.79 19.03
N ASN A 108 -0.36 10.83 18.84
CA ASN A 108 0.34 11.49 19.88
C ASN A 108 -0.59 12.28 20.80
N LEU A 109 -1.75 12.76 20.30
CA LEU A 109 -2.73 13.48 21.12
C LEU A 109 -3.56 12.53 21.97
N LEU A 110 -3.87 11.41 21.36
CA LEU A 110 -4.42 10.33 22.13
C LEU A 110 -3.58 10.01 23.37
N ASP A 111 -2.27 9.94 23.19
CA ASP A 111 -1.37 9.61 24.29
C ASP A 111 -1.23 10.76 25.31
N ILE A 112 -1.13 11.99 24.83
CA ILE A 112 -1.11 13.17 25.69
C ILE A 112 -2.41 13.31 26.50
N GLU A 113 -3.55 13.07 25.88
CA GLU A 113 -4.82 13.05 26.60
C GLU A 113 -4.80 12.00 27.72
N VAL A 114 -4.24 10.83 27.46
CA VAL A 114 -4.16 9.82 28.52
C VAL A 114 -3.30 10.35 29.66
N ALA A 115 -2.16 10.93 29.33
CA ALA A 115 -1.22 11.40 30.36
C ALA A 115 -1.89 12.47 31.22
N TYR A 116 -2.53 13.44 30.60
CA TYR A 116 -3.13 14.56 31.30
C TYR A 116 -4.30 14.14 32.18
N SER A 117 -5.16 13.26 31.65
CA SER A 117 -6.27 12.73 32.44
C SER A 117 -5.87 11.96 33.70
N LEU A 118 -4.68 11.40 33.71
CA LEU A 118 -4.12 10.83 34.92
C LEU A 118 -3.75 11.95 35.91
N LEU A 119 -3.03 12.94 35.43
CA LEU A 119 -2.69 14.13 36.24
C LEU A 119 -3.93 14.77 36.86
N ARG A 120 -5.00 14.88 36.07
CA ARG A 120 -6.22 15.57 36.47
C ARG A 120 -7.34 14.66 37.01
N GLY A 121 -7.27 13.33 36.85
CA GLY A 121 -8.12 12.42 37.63
C GLY A 121 -7.51 12.37 39.03
N GLY A 122 -7.86 11.38 39.82
CA GLY A 122 -7.17 11.20 41.12
C GLY A 122 -7.31 12.29 42.17
N SER A 123 -6.58 12.11 43.28
CA SER A 123 -6.70 12.97 44.45
C SER A 123 -5.54 13.94 44.63
N ASP A 124 -5.66 14.82 45.61
CA ASP A 124 -4.72 15.90 45.85
C ASP A 124 -4.38 15.86 47.33
N ASP A 125 -3.12 15.57 47.66
CA ASP A 125 -2.66 15.43 49.05
C ASP A 125 -1.23 15.89 49.13
N SER A 126 -1.03 17.16 49.52
CA SER A 126 0.30 17.81 49.61
C SER A 126 1.32 17.11 50.49
N SER A 127 0.89 16.38 51.51
CA SER A 127 1.85 15.67 52.35
C SER A 127 2.48 14.45 51.64
N LYS A 128 1.91 13.99 50.52
CA LYS A 128 2.61 13.01 49.68
C LYS A 128 3.45 13.71 48.63
N ASP A 129 4.49 13.03 48.17
CA ASP A 129 5.35 13.56 47.12
C ASP A 129 4.63 13.32 45.81
N PRO A 130 4.37 14.38 45.02
CA PRO A 130 3.79 14.14 43.73
C PRO A 130 4.59 13.19 42.83
N ILE A 131 5.89 13.05 43.04
CA ILE A 131 6.64 12.06 42.28
C ILE A 131 6.10 10.67 42.57
N ASP A 132 6.05 10.31 43.85
CA ASP A 132 5.44 9.05 44.25
C ASP A 132 4.01 8.81 43.77
N VAL A 133 3.20 9.87 43.76
CA VAL A 133 1.77 9.80 43.43
C VAL A 133 1.62 9.44 41.94
N ASN A 134 2.29 10.22 41.12
CA ASN A 134 2.33 10.03 39.68
C ASN A 134 2.96 8.70 39.26
N TYR A 135 3.95 8.20 40.01
CA TYR A 135 4.45 6.84 39.78
C TYR A 135 3.34 5.83 39.83
N GLU A 136 2.50 5.87 40.88
CA GLU A 136 1.39 4.90 41.03
C GLU A 136 0.42 4.94 39.87
N LYS A 137 0.18 6.12 39.32
CA LYS A 137 -0.72 6.26 38.20
C LYS A 137 -0.32 5.39 36.98
N LEU A 138 0.97 5.09 36.84
CA LEU A 138 1.46 4.24 35.78
C LEU A 138 1.16 2.73 35.90
N LYS A 139 0.73 2.26 37.06
CA LYS A 139 0.49 0.84 37.28
C LYS A 139 1.59 -0.04 36.65
N THR A 140 2.83 0.36 36.89
CA THR A 140 4.01 -0.28 36.30
C THR A 140 5.10 -0.34 37.37
N ASP A 141 5.64 -1.52 37.67
CA ASP A 141 6.85 -1.59 38.49
C ASP A 141 8.06 -1.14 37.66
N ILE A 142 8.87 -0.21 38.19
CA ILE A 142 10.05 0.31 37.45
C ILE A 142 11.24 0.23 38.36
N LYS A 143 12.27 -0.49 37.92
CA LYS A 143 13.46 -0.66 38.72
C LYS A 143 14.63 -0.23 37.89
N VAL A 144 15.70 0.19 38.54
CA VAL A 144 16.93 0.54 37.86
C VAL A 144 17.69 -0.75 37.71
N VAL A 145 18.17 -0.99 36.51
CA VAL A 145 19.02 -2.11 36.23
C VAL A 145 20.44 -1.63 36.55
N ASP A 146 21.25 -2.56 37.03
CA ASP A 146 22.56 -2.28 37.62
C ASP A 146 23.65 -2.23 36.53
N ARG A 147 24.49 -1.20 36.52
CA ARG A 147 25.48 -1.00 35.45
C ARG A 147 26.39 -2.22 35.23
N ASP A 148 26.75 -2.91 36.31
CA ASP A 148 27.59 -4.14 36.26
C ASP A 148 26.85 -5.48 36.01
N SER A 149 25.52 -5.47 35.92
CA SER A 149 24.78 -6.70 35.67
C SER A 149 25.05 -7.17 34.24
N GLU A 150 24.62 -8.40 33.98
CA GLU A 150 24.85 -9.03 32.70
C GLU A 150 23.83 -8.58 31.70
N GLU A 151 22.62 -8.30 32.18
CA GLU A 151 21.57 -7.78 31.30
C GLU A 151 21.94 -6.37 30.79
N ALA A 152 22.51 -5.55 31.67
CA ALA A 152 23.03 -4.24 31.29
C ALA A 152 24.08 -4.33 30.21
N GLU A 153 24.96 -5.34 30.29
CA GLU A 153 26.08 -5.55 29.31
C GLU A 153 25.50 -5.84 27.94
N ILE A 154 24.62 -6.83 27.91
CA ILE A 154 23.86 -7.23 26.73
C ILE A 154 23.09 -6.06 26.11
N ILE A 155 22.38 -5.29 26.92
CA ILE A 155 21.62 -4.13 26.44
C ILE A 155 22.53 -3.09 25.84
N ARG A 156 23.58 -2.71 26.56
CA ARG A 156 24.51 -1.70 26.04
C ARG A 156 25.19 -2.16 24.76
N LYS A 157 25.27 -3.46 24.54
CA LYS A 157 25.86 -3.99 23.33
C LYS A 157 24.89 -3.94 22.13
N TYR A 158 23.62 -4.23 22.41
CA TYR A 158 22.55 -4.02 21.45
C TYR A 158 22.56 -2.58 20.94
N VAL A 159 22.66 -1.63 21.87
CA VAL A 159 22.78 -0.19 21.53
C VAL A 159 24.08 0.09 20.76
N LYS A 160 25.20 -0.46 21.22
CA LYS A 160 26.50 -0.20 20.61
C LYS A 160 26.65 -0.76 19.19
N ASN A 161 26.03 -1.90 18.88
CA ASN A 161 26.24 -2.61 17.62
C ASN A 161 25.21 -2.36 16.52
N THR A 162 24.06 -1.74 16.87
CA THR A 162 22.92 -1.65 15.95
C THR A 162 22.56 -0.24 15.55
N HIS A 163 23.57 0.61 15.51
CA HIS A 163 23.41 2.00 15.10
C HIS A 163 23.82 2.09 13.61
N ALA A 164 22.87 2.44 12.75
CA ALA A 164 23.08 2.39 11.32
C ALA A 164 23.97 3.51 10.85
N THR A 165 24.89 3.18 9.95
CA THR A 165 25.77 4.17 9.34
C THR A 165 24.95 5.37 8.79
N THR A 166 23.80 5.15 8.18
CA THR A 166 23.00 6.26 7.62
C THR A 166 22.24 7.12 8.67
N HIS A 167 22.45 6.84 9.97
CA HIS A 167 21.87 7.62 11.05
C HIS A 167 23.00 8.18 11.90
N ASN A 168 24.13 8.48 11.24
CA ASN A 168 25.33 8.96 11.96
C ASN A 168 25.37 10.50 12.20
N ALA A 169 24.25 11.18 11.98
CA ALA A 169 24.08 12.57 12.41
C ALA A 169 24.13 12.70 13.91
N TYR A 170 23.90 11.58 14.64
CA TYR A 170 24.00 11.56 16.07
C TYR A 170 24.53 10.23 16.55
N ASP A 171 25.01 10.20 17.78
CA ASP A 171 25.10 8.95 18.53
C ASP A 171 24.42 9.05 19.93
N LEU A 172 24.46 7.91 20.63
CA LEU A 172 23.66 7.64 21.79
C LEU A 172 24.50 7.20 22.94
N GLU A 173 24.27 7.80 24.09
CA GLU A 173 24.72 7.22 25.33
C GLU A 173 23.49 6.78 26.11
N VAL A 174 23.63 5.64 26.74
CA VAL A 174 22.64 5.08 27.60
C VAL A 174 22.93 5.76 28.89
N ILE A 175 21.97 6.55 29.38
CA ILE A 175 22.09 7.19 30.67
C ILE A 175 21.65 6.22 31.75
N ASP A 176 20.39 5.75 31.66
CA ASP A 176 19.81 4.87 32.69
C ASP A 176 19.16 3.71 32.01
N ILE A 177 19.18 2.53 32.62
CA ILE A 177 18.42 1.38 32.11
C ILE A 177 17.43 0.92 33.19
N PHE A 178 16.16 0.76 32.81
CA PHE A 178 15.08 0.40 33.72
C PHE A 178 14.48 -0.92 33.28
N LYS A 179 14.23 -1.80 34.24
CA LYS A 179 13.43 -2.99 34.00
C LYS A 179 12.02 -2.59 34.46
N ILE A 180 11.04 -2.95 33.64
CA ILE A 180 9.65 -2.55 33.82
C ILE A 180 8.72 -3.74 33.70
N GLU A 181 7.57 -3.61 34.34
CA GLU A 181 6.64 -4.70 34.52
C GLU A 181 5.26 -4.05 34.60
N ARG A 182 4.59 -3.97 33.46
CA ARG A 182 3.27 -3.38 33.46
C ARG A 182 2.33 -4.36 34.14
N GLU A 183 1.47 -3.83 34.99
CA GLU A 183 0.51 -4.60 35.72
C GLU A 183 -0.40 -5.38 34.76
N GLY A 184 -0.41 -6.71 34.89
CA GLY A 184 -1.25 -7.61 34.08
C GLY A 184 -0.70 -8.00 32.72
N GLU A 185 0.45 -7.47 32.30
CA GLU A 185 0.89 -7.67 30.92
C GLU A 185 1.34 -9.11 30.70
N CYS A 186 2.05 -9.62 31.70
CA CYS A 186 2.55 -11.02 31.71
C CYS A 186 1.43 -12.07 31.59
N GLN A 187 0.31 -11.83 32.27
CA GLN A 187 -0.94 -12.58 32.11
C GLN A 187 -1.50 -12.50 30.66
N ARG A 188 -1.63 -11.27 30.15
CA ARG A 188 -2.03 -11.02 28.75
C ARG A 188 -1.21 -11.82 27.73
N TYR A 189 0.08 -11.96 28.02
CA TYR A 189 1.08 -12.58 27.16
C TYR A 189 1.20 -14.12 27.26
N LYS A 190 0.53 -14.74 28.22
CA LYS A 190 0.76 -16.17 28.49
C LYS A 190 0.56 -17.11 27.28
N PRO A 191 -0.49 -16.87 26.47
CA PRO A 191 -0.65 -17.56 25.20
C PRO A 191 0.55 -17.54 24.28
N PHE A 192 1.34 -16.48 24.37
CA PHE A 192 2.42 -16.26 23.43
C PHE A 192 3.76 -16.46 24.08
N LYS A 193 3.82 -16.84 25.35
CA LYS A 193 5.10 -16.83 26.06
C LYS A 193 6.06 -17.89 25.55
N GLN A 194 5.59 -18.92 24.85
CA GLN A 194 6.45 -20.00 24.28
C GLN A 194 6.39 -20.10 22.75
N LEU A 195 5.82 -19.08 22.11
CA LEU A 195 5.72 -19.08 20.66
C LEU A 195 7.14 -19.04 20.07
N HIS A 196 7.41 -19.81 19.02
CA HIS A 196 8.69 -19.65 18.29
C HIS A 196 8.81 -18.24 17.75
N ASN A 197 10.06 -17.84 17.57
CA ASN A 197 10.40 -16.52 17.03
C ASN A 197 9.95 -15.37 17.95
N ARG A 198 10.46 -15.46 19.17
CA ARG A 198 10.35 -14.41 20.15
C ARG A 198 11.65 -13.61 20.12
N ARG A 199 11.52 -12.31 19.86
CA ARG A 199 12.65 -11.42 19.75
C ARG A 199 12.53 -10.19 20.67
N LEU A 200 13.66 -9.75 21.18
CA LEU A 200 13.74 -8.54 21.97
C LEU A 200 14.02 -7.41 20.96
N LEU A 201 13.14 -6.42 20.90
CA LEU A 201 13.24 -5.37 19.90
C LEU A 201 12.92 -4.02 20.43
N TRP A 202 13.38 -3.02 19.66
CA TRP A 202 13.24 -1.63 19.97
C TRP A 202 11.88 -1.06 19.56
N HIS A 203 11.40 -0.10 20.34
CA HIS A 203 10.31 0.76 19.93
C HIS A 203 10.58 2.14 20.50
N GLY A 204 10.73 3.11 19.60
CA GLY A 204 10.95 4.50 19.99
C GLY A 204 9.68 5.29 19.97
N SER A 205 9.64 6.34 20.76
CA SER A 205 8.51 7.24 20.80
C SER A 205 8.92 8.53 21.46
N ARG A 206 8.24 9.60 21.13
CA ARG A 206 8.59 10.82 21.86
C ARG A 206 8.20 10.70 23.33
N THR A 207 8.78 11.52 24.17
CA THR A 207 8.74 11.20 25.57
C THR A 207 7.35 11.52 26.11
N THR A 208 6.64 12.40 25.43
CA THR A 208 5.24 12.73 25.74
C THR A 208 4.22 11.58 25.55
N ASN A 209 4.63 10.50 24.89
CA ASN A 209 3.79 9.33 24.75
C ASN A 209 3.92 8.38 25.90
N PHE A 210 4.99 8.50 26.66
CA PHE A 210 5.36 7.44 27.60
C PHE A 210 4.47 7.22 28.83
N ALA A 211 3.71 8.21 29.31
CA ALA A 211 2.80 7.91 30.41
C ALA A 211 1.70 7.02 29.87
N GLY A 212 1.16 7.38 28.72
CA GLY A 212 0.21 6.52 28.03
C GLY A 212 0.72 5.13 27.76
N ILE A 213 1.95 5.04 27.26
CA ILE A 213 2.52 3.73 26.92
C ILE A 213 2.63 2.88 28.20
N LEU A 214 3.06 3.48 29.29
CA LEU A 214 3.24 2.70 30.46
C LEU A 214 1.91 2.33 31.12
N SER A 215 0.91 3.22 31.15
CA SER A 215 -0.40 2.84 31.72
C SER A 215 -1.19 1.87 30.84
N GLN A 216 -1.24 2.12 29.53
CA GLN A 216 -2.06 1.32 28.59
C GLN A 216 -1.29 0.21 27.86
N GLY A 217 0.03 0.29 27.82
CA GLY A 217 0.82 -0.52 26.94
C GLY A 217 0.81 0.16 25.60
N LEU A 218 1.55 -0.43 24.68
CA LEU A 218 1.50 -0.11 23.27
C LEU A 218 0.20 -0.60 22.70
N ARG A 219 -0.38 0.18 21.81
CA ARG A 219 -1.71 -0.04 21.31
C ARG A 219 -1.75 0.05 19.81
N ILE A 220 -2.85 -0.43 19.26
CA ILE A 220 -3.10 -0.40 17.85
C ILE A 220 -3.93 0.85 17.61
N ALA A 221 -3.74 1.48 16.46
CA ALA A 221 -4.52 2.67 16.11
C ALA A 221 -5.99 2.26 15.95
N PRO A 222 -6.92 3.10 16.43
CA PRO A 222 -8.33 2.68 16.47
C PRO A 222 -8.94 2.45 15.09
N PRO A 223 -10.12 1.80 15.03
CA PRO A 223 -10.82 1.52 13.77
C PRO A 223 -11.01 2.78 12.89
N GLU A 224 -11.42 3.87 13.54
CA GLU A 224 -11.53 5.20 12.91
C GLU A 224 -10.30 5.71 12.13
N ALA A 225 -9.09 5.34 12.56
CA ALA A 225 -7.86 5.85 11.95
C ALA A 225 -7.63 5.33 10.52
N PRO A 226 -7.08 6.18 9.62
CA PRO A 226 -6.78 5.73 8.27
C PRO A 226 -5.65 4.71 8.24
N VAL A 227 -5.99 3.47 7.91
CA VAL A 227 -5.02 2.36 7.78
C VAL A 227 -3.89 2.66 6.80
N THR A 228 -4.19 3.53 5.84
CA THR A 228 -3.23 4.04 4.88
C THR A 228 -2.15 4.92 5.53
N GLY A 229 -2.42 5.39 6.75
CA GLY A 229 -1.50 6.26 7.49
C GLY A 229 -0.23 5.60 7.99
N TYR A 230 -0.19 4.27 7.93
CA TYR A 230 0.89 3.45 8.47
C TYR A 230 1.30 2.39 7.40
N MET A 231 2.60 2.23 7.17
CA MET A 231 3.13 1.48 6.04
C MET A 231 2.66 0.05 5.96
N PHE A 232 2.56 -0.62 7.09
CA PHE A 232 2.05 -1.96 7.15
C PHE A 232 0.70 -2.03 7.91
N GLY A 233 -0.09 -0.98 7.81
CA GLY A 233 -1.40 -0.93 8.48
C GLY A 233 -1.29 -0.73 9.98
N LYS A 234 -2.37 -1.09 10.66
CA LYS A 234 -2.56 -0.76 12.07
C LYS A 234 -2.09 -1.86 13.02
N GLY A 235 -0.79 -1.83 13.30
CA GLY A 235 -0.16 -2.73 14.25
C GLY A 235 0.77 -1.94 15.15
N ILE A 236 1.61 -2.67 15.87
CA ILE A 236 2.62 -2.07 16.75
C ILE A 236 3.96 -2.40 16.09
N TYR A 237 4.74 -1.34 15.88
CA TYR A 237 5.93 -1.36 15.04
C TYR A 237 7.16 -1.39 15.90
N PHE A 238 8.05 -2.32 15.58
CA PHE A 238 9.33 -2.51 16.26
C PHE A 238 10.47 -2.56 15.27
N ALA A 239 11.69 -2.25 15.71
CA ALA A 239 12.91 -2.41 14.89
C ALA A 239 14.03 -3.22 15.60
N ASP A 240 14.90 -3.86 14.83
CA ASP A 240 16.13 -4.51 15.38
C ASP A 240 17.39 -3.65 15.37
N MET A 241 17.35 -2.47 14.75
CA MET A 241 18.46 -1.49 14.76
C MET A 241 18.03 -0.34 15.67
N VAL A 242 18.77 -0.05 16.73
CA VAL A 242 18.42 0.99 17.74
C VAL A 242 18.19 2.38 17.15
N SER A 243 19.02 2.78 16.21
CA SER A 243 18.91 4.08 15.61
C SER A 243 17.62 4.28 14.84
N LYS A 244 17.10 3.19 14.27
CA LYS A 244 15.87 3.23 13.52
C LYS A 244 14.70 3.56 14.47
N SER A 245 14.67 2.93 15.64
CA SER A 245 13.66 3.23 16.63
C SER A 245 13.99 4.55 17.33
N ALA A 246 15.26 4.89 17.52
CA ALA A 246 15.64 6.16 18.16
C ALA A 246 15.18 7.39 17.41
N ASN A 247 15.20 7.34 16.09
CA ASN A 247 14.69 8.47 15.28
C ASN A 247 13.25 8.88 15.61
N TYR A 248 12.44 7.96 16.13
CA TYR A 248 11.05 8.22 16.48
C TYR A 248 10.90 8.88 17.87
N CYS A 249 11.98 9.00 18.61
CA CYS A 249 11.99 9.86 19.77
C CYS A 249 11.75 11.33 19.42
N HIS A 250 12.10 11.74 18.20
CA HIS A 250 12.03 13.13 17.75
C HIS A 250 12.75 14.10 18.70
N THR A 251 13.91 13.67 19.18
CA THR A 251 14.85 14.54 19.88
C THR A 251 15.60 15.43 18.89
N SER A 252 16.34 16.41 19.41
CA SER A 252 17.09 17.34 18.56
C SER A 252 18.05 18.13 19.43
N GLN A 253 18.61 19.22 18.91
CA GLN A 253 19.47 20.10 19.70
C GLN A 253 18.73 20.97 20.72
N GLY A 254 17.43 21.24 20.57
CA GLY A 254 16.55 21.85 21.67
C GLY A 254 15.73 20.96 22.72
N ASP A 255 16.22 19.72 23.09
CA ASP A 255 15.60 18.49 23.86
C ASP A 255 16.36 17.17 23.45
N PRO A 256 17.64 17.05 23.84
CA PRO A 256 18.52 15.93 23.46
C PRO A 256 18.30 14.62 24.21
N ILE A 257 17.43 14.60 25.20
CA ILE A 257 17.21 13.38 25.99
C ILE A 257 15.96 12.69 25.47
N GLY A 258 16.01 11.39 25.29
CA GLY A 258 14.82 10.62 24.95
C GLY A 258 14.77 9.23 25.53
N LEU A 259 13.64 8.59 25.30
CA LEU A 259 13.28 7.31 25.88
C LEU A 259 12.99 6.29 24.78
N ILE A 260 13.47 5.08 24.96
CA ILE A 260 13.24 4.02 24.01
C ILE A 260 12.93 2.73 24.80
N LEU A 261 12.15 1.84 24.19
CA LEU A 261 11.73 0.57 24.78
C LEU A 261 12.42 -0.65 24.18
N LEU A 262 12.64 -1.66 25.03
CA LEU A 262 12.94 -3.02 24.57
C LEU A 262 11.82 -3.92 25.02
N GLY A 263 10.96 -4.32 24.11
CA GLY A 263 9.92 -5.30 24.42
C GLY A 263 10.26 -6.66 23.85
N GLU A 264 9.76 -7.70 24.51
CA GLU A 264 9.72 -9.04 23.97
C GLU A 264 8.52 -9.19 23.06
N VAL A 265 8.79 -9.52 21.79
CA VAL A 265 7.75 -9.56 20.78
C VAL A 265 7.68 -10.95 20.19
N ALA A 266 6.46 -11.48 20.13
CA ALA A 266 6.19 -12.83 19.68
C ALA A 266 5.73 -12.82 18.21
N LEU A 267 6.67 -13.13 17.34
CA LEU A 267 6.50 -12.87 15.92
C LEU A 267 5.97 -14.10 15.26
N GLY A 268 6.42 -15.27 15.71
CA GLY A 268 6.01 -16.51 15.12
C GLY A 268 6.24 -16.54 13.60
N ASN A 269 5.18 -16.80 12.88
CA ASN A 269 5.24 -17.07 11.47
C ASN A 269 5.11 -15.71 10.81
N MET A 270 6.22 -15.17 10.31
CA MET A 270 6.27 -13.78 9.80
C MET A 270 5.80 -13.79 8.35
N TYR A 271 4.88 -12.87 8.02
CA TYR A 271 4.52 -12.52 6.64
C TYR A 271 5.51 -11.46 6.16
N GLU A 272 6.39 -11.86 5.25
CA GLU A 272 7.52 -11.02 4.85
C GLU A 272 7.19 -10.13 3.65
N LEU A 273 7.44 -8.84 3.75
CA LEU A 273 7.00 -7.90 2.74
C LEU A 273 8.08 -6.91 2.49
N LYS A 274 8.19 -6.46 1.24
CA LYS A 274 9.22 -5.53 0.79
C LYS A 274 8.66 -4.14 0.55
N HIS A 275 7.34 -4.03 0.44
CA HIS A 275 6.75 -2.75 0.14
C HIS A 275 5.51 -2.45 0.95
N ALA A 276 5.15 -1.17 0.93
CA ALA A 276 3.98 -0.68 1.62
C ALA A 276 2.80 -1.62 1.38
N SER A 277 2.12 -1.99 2.45
CA SER A 277 1.02 -2.90 2.38
C SER A 277 0.06 -2.61 3.50
N HIS A 278 -1.07 -1.99 3.22
CA HIS A 278 -1.97 -1.52 4.28
C HIS A 278 -3.05 -2.54 4.48
N ILE A 279 -2.86 -3.38 5.48
CA ILE A 279 -3.77 -4.47 5.77
C ILE A 279 -4.42 -4.19 7.12
N SER A 280 -5.58 -4.78 7.39
CA SER A 280 -6.07 -4.81 8.78
C SER A 280 -6.22 -6.19 9.40
N LYS A 281 -6.06 -7.24 8.59
CA LYS A 281 -5.77 -8.56 9.13
C LYS A 281 -4.67 -9.29 8.34
N LEU A 282 -3.91 -10.08 9.08
CA LEU A 282 -2.93 -10.98 8.50
C LEU A 282 -3.59 -12.08 7.69
N PRO A 283 -2.85 -12.68 6.75
CA PRO A 283 -3.33 -13.95 6.21
C PRO A 283 -3.32 -15.06 7.26
N LYS A 284 -4.33 -15.92 7.18
CA LYS A 284 -4.43 -17.09 8.02
C LYS A 284 -3.08 -17.82 8.13
N GLY A 285 -2.63 -18.11 9.35
CA GLY A 285 -1.38 -18.83 9.56
C GLY A 285 -0.24 -17.94 9.96
N LYS A 286 -0.28 -16.66 9.56
CA LYS A 286 0.75 -15.70 9.94
C LYS A 286 0.36 -14.98 11.24
N HIS A 287 1.38 -14.74 12.04
CA HIS A 287 1.28 -14.08 13.32
C HIS A 287 1.81 -12.64 13.36
N SER A 288 2.65 -12.24 12.39
CA SER A 288 3.28 -10.92 12.36
C SER A 288 3.61 -10.53 10.94
N VAL A 289 3.97 -9.27 10.72
CA VAL A 289 4.62 -8.88 9.47
C VAL A 289 6.09 -8.57 9.77
N LYS A 290 6.96 -8.94 8.84
CA LYS A 290 8.35 -8.51 8.79
C LYS A 290 8.53 -7.71 7.49
N GLY A 291 8.86 -6.44 7.63
CA GLY A 291 9.27 -5.62 6.52
C GLY A 291 10.74 -5.85 6.30
N LEU A 292 11.09 -6.36 5.11
CA LEU A 292 12.44 -6.90 4.86
C LEU A 292 13.43 -5.79 4.59
N GLY A 293 14.40 -5.65 5.46
CA GLY A 293 15.47 -4.69 5.27
C GLY A 293 16.58 -5.18 4.34
N LYS A 294 17.28 -4.21 3.76
CA LYS A 294 18.47 -4.47 2.94
C LYS A 294 19.58 -4.94 3.84
N THR A 295 19.64 -4.35 5.03
CA THR A 295 20.59 -4.69 6.07
C THR A 295 19.84 -5.28 7.27
N THR A 296 20.49 -6.23 7.94
CA THR A 296 19.95 -6.92 9.06
C THR A 296 21.06 -7.18 10.07
N PRO A 297 20.73 -7.27 11.37
CA PRO A 297 21.80 -7.70 12.31
C PRO A 297 22.31 -9.08 11.96
N ASP A 298 23.61 -9.30 12.13
CA ASP A 298 24.19 -10.58 11.78
C ASP A 298 23.52 -11.77 12.51
N PRO A 299 22.73 -12.61 11.79
CA PRO A 299 22.02 -13.74 12.45
C PRO A 299 22.96 -14.69 13.19
N SER A 300 24.24 -14.72 12.78
CA SER A 300 25.26 -15.48 13.48
C SER A 300 25.53 -14.99 14.93
N ALA A 301 25.29 -13.71 15.21
CA ALA A 301 25.56 -13.10 16.55
C ALA A 301 24.34 -12.99 17.46
N ASN A 302 23.27 -13.70 17.15
CA ASN A 302 22.12 -13.71 18.03
C ASN A 302 22.54 -14.33 19.36
N ILE A 303 21.80 -13.96 20.38
CA ILE A 303 22.20 -14.20 21.76
C ILE A 303 20.95 -14.15 22.63
N SER A 304 20.87 -15.08 23.56
CA SER A 304 19.69 -15.22 24.43
C SER A 304 19.84 -14.36 25.68
N LEU A 305 18.81 -13.56 25.98
CA LEU A 305 18.64 -12.90 27.26
C LEU A 305 17.33 -13.43 27.83
N ASP A 306 17.42 -14.21 28.90
CA ASP A 306 16.25 -14.85 29.50
C ASP A 306 15.41 -15.63 28.48
N GLY A 307 16.11 -16.38 27.63
CA GLY A 307 15.46 -17.27 26.65
C GLY A 307 14.69 -16.59 25.54
N VAL A 308 15.04 -15.33 25.26
CA VAL A 308 14.44 -14.54 24.18
C VAL A 308 15.61 -14.13 23.30
N ASP A 309 15.55 -14.38 22.00
CA ASP A 309 16.62 -13.96 21.11
C ASP A 309 16.78 -12.43 21.06
N VAL A 310 18.04 -12.02 21.14
CA VAL A 310 18.46 -10.63 21.01
C VAL A 310 19.34 -10.53 19.77
N PRO A 311 18.80 -9.88 18.72
CA PRO A 311 19.51 -9.74 17.47
C PRO A 311 20.48 -8.54 17.48
N LEU A 312 21.56 -8.67 18.25
CA LEU A 312 22.52 -7.56 18.46
C LEU A 312 23.82 -7.58 17.60
N GLY A 313 23.88 -8.40 16.56
CA GLY A 313 25.07 -8.43 15.71
C GLY A 313 25.15 -7.14 14.91
N THR A 314 26.35 -6.74 14.48
CA THR A 314 26.50 -5.56 13.62
C THR A 314 25.79 -5.76 12.27
N GLY A 315 25.31 -4.69 11.68
CA GLY A 315 24.57 -4.82 10.43
C GLY A 315 25.40 -5.40 9.28
N ILE A 316 24.88 -6.48 8.68
CA ILE A 316 25.40 -7.01 7.39
C ILE A 316 24.31 -6.98 6.32
N SER A 317 24.70 -7.32 5.10
CA SER A 317 23.70 -7.47 4.03
C SER A 317 22.71 -8.61 4.30
N SER A 318 21.42 -8.35 4.04
CA SER A 318 20.35 -9.34 4.22
C SER A 318 20.19 -10.30 3.02
N GLY A 319 20.58 -9.81 1.85
CA GLY A 319 20.42 -10.51 0.60
C GLY A 319 19.18 -10.15 -0.20
N VAL A 320 18.34 -9.25 0.31
CA VAL A 320 17.04 -8.96 -0.33
C VAL A 320 17.22 -7.82 -1.34
N ASN A 321 16.54 -7.92 -2.47
CA ASN A 321 16.90 -7.11 -3.66
C ASN A 321 16.13 -5.83 -3.98
N ASP A 322 14.82 -5.85 -4.07
CA ASP A 322 14.15 -4.60 -4.48
C ASP A 322 13.21 -4.27 -3.38
N THR A 323 13.81 -3.99 -2.22
CA THR A 323 13.04 -3.68 -1.03
C THR A 323 12.95 -2.20 -0.83
N SER A 324 11.86 -1.75 -0.23
CA SER A 324 11.65 -0.34 0.10
C SER A 324 12.39 0.08 1.34
N LEU A 325 12.82 -0.88 2.15
CA LEU A 325 13.24 -0.63 3.52
C LEU A 325 14.68 -0.84 3.57
N LEU A 326 15.41 0.11 4.14
CA LEU A 326 16.83 -0.07 4.38
C LEU A 326 17.07 -1.05 5.54
N TYR A 327 16.15 -1.05 6.52
CA TYR A 327 16.30 -1.87 7.72
C TYR A 327 15.04 -2.58 8.02
N ASN A 328 15.18 -3.69 8.74
CA ASN A 328 14.07 -4.50 9.13
C ASN A 328 13.07 -3.70 9.96
N GLU A 329 11.86 -4.20 10.04
CA GLU A 329 10.76 -3.51 10.67
C GLU A 329 9.79 -4.66 11.08
N TYR A 330 9.08 -4.53 12.20
CA TYR A 330 8.32 -5.68 12.73
C TYR A 330 6.98 -5.28 13.26
N ILE A 331 5.94 -5.98 12.81
CA ILE A 331 4.59 -5.57 13.14
C ILE A 331 3.77 -6.75 13.62
N VAL A 332 3.06 -6.51 14.72
CA VAL A 332 2.03 -7.41 15.20
C VAL A 332 0.71 -6.65 15.35
N TYR A 333 -0.38 -7.38 15.23
CA TYR A 333 -1.70 -6.82 15.06
C TYR A 333 -2.65 -7.24 16.19
N ASP A 334 -2.07 -7.67 17.32
CA ASP A 334 -2.80 -8.07 18.53
C ASP A 334 -1.82 -7.68 19.63
N ILE A 335 -2.27 -6.82 20.54
CA ILE A 335 -1.46 -6.22 21.56
C ILE A 335 -0.95 -7.20 22.59
N ALA A 336 -1.64 -8.31 22.75
CA ALA A 336 -1.21 -9.37 23.68
C ALA A 336 0.07 -10.06 23.31
N GLN A 337 0.53 -9.89 22.07
CA GLN A 337 1.81 -10.39 21.57
C GLN A 337 3.07 -9.58 21.98
N VAL A 338 2.91 -8.59 22.82
CA VAL A 338 4.01 -7.75 23.32
C VAL A 338 4.10 -7.84 24.85
N ASN A 339 5.33 -7.98 25.34
CA ASN A 339 5.62 -7.92 26.75
C ASN A 339 6.78 -6.96 26.90
N LEU A 340 6.54 -5.80 27.46
CA LEU A 340 7.60 -4.81 27.62
C LEU A 340 8.47 -5.27 28.76
N LYS A 341 9.77 -5.14 28.55
CA LYS A 341 10.78 -5.61 29.46
C LYS A 341 11.72 -4.48 29.94
N TYR A 342 12.18 -3.63 29.02
CA TYR A 342 13.11 -2.55 29.40
C TYR A 342 12.75 -1.22 28.84
N LEU A 343 13.29 -0.20 29.50
CA LEU A 343 13.18 1.20 29.11
C LEU A 343 14.53 1.86 29.34
N LEU A 344 15.08 2.43 28.27
CA LEU A 344 16.32 3.22 28.34
C LEU A 344 16.06 4.71 28.25
N LYS A 345 16.86 5.45 29.00
CA LYS A 345 16.94 6.89 28.86
C LYS A 345 18.23 7.11 28.11
N LEU A 346 18.15 7.86 27.04
CA LEU A 346 19.30 8.06 26.17
C LEU A 346 19.59 9.52 25.97
N LYS A 347 20.87 9.77 25.75
CA LYS A 347 21.41 11.08 25.50
C LYS A 347 21.88 11.03 24.06
N PHE A 348 21.32 11.89 23.22
CA PHE A 348 21.67 11.99 21.81
C PHE A 348 22.71 13.08 21.61
N ASN A 349 23.92 12.74 21.17
CA ASN A 349 24.96 13.70 20.71
C ASN A 349 24.76 14.04 19.26
N PHE A 350 24.18 15.19 18.98
CA PHE A 350 24.07 15.66 17.58
C PHE A 350 25.39 16.28 17.07
N LYS A 351 25.93 15.71 15.99
CA LYS A 351 27.21 16.14 15.45
C LYS A 351 27.05 17.20 14.36
N THR A 352 26.16 18.15 14.58
CA THR A 352 25.74 19.06 13.52
C THR A 352 25.15 20.36 14.06
N HIS B 1 -5.79 -10.37 -54.51
CA HIS B 1 -5.46 -11.38 -53.47
C HIS B 1 -6.64 -12.30 -53.21
N MET B 2 -6.42 -13.31 -52.35
CA MET B 2 -7.47 -14.24 -51.88
C MET B 2 -8.76 -13.58 -51.35
N LYS B 3 -8.70 -12.31 -50.91
CA LYS B 3 -9.87 -11.50 -50.53
C LYS B 3 -10.52 -11.87 -49.19
N SER B 4 -10.19 -13.02 -48.62
CA SER B 4 -10.54 -13.39 -47.25
C SER B 4 -12.00 -13.74 -47.04
N LYS B 5 -12.19 -14.90 -46.40
CA LYS B 5 -13.47 -15.55 -46.21
C LYS B 5 -13.87 -15.58 -44.75
N LEU B 6 -13.12 -14.91 -43.89
CA LEU B 6 -13.49 -14.80 -42.45
C LEU B 6 -14.77 -14.03 -42.32
N PRO B 7 -15.58 -14.34 -41.32
CA PRO B 7 -16.76 -13.49 -41.12
C PRO B 7 -16.42 -11.99 -41.03
N LYS B 8 -17.29 -11.12 -41.53
CA LYS B 8 -17.06 -9.66 -41.48
C LYS B 8 -16.76 -9.09 -40.11
N PRO B 9 -17.48 -9.55 -39.05
CA PRO B 9 -17.17 -9.02 -37.72
C PRO B 9 -15.75 -9.34 -37.27
N VAL B 10 -15.25 -10.53 -37.64
CA VAL B 10 -13.87 -10.93 -37.31
C VAL B 10 -12.87 -10.11 -38.16
N GLN B 11 -13.16 -9.86 -39.42
CA GLN B 11 -12.37 -8.91 -40.23
C GLN B 11 -12.28 -7.49 -39.62
N ASP B 12 -13.43 -6.89 -39.32
CA ASP B 12 -13.48 -5.61 -38.61
C ASP B 12 -12.63 -5.58 -37.35
N LEU B 13 -12.70 -6.62 -36.53
CA LEU B 13 -11.83 -6.78 -35.36
C LEU B 13 -10.35 -6.76 -35.71
N ILE B 14 -9.95 -7.51 -36.74
CA ILE B 14 -8.54 -7.54 -37.17
C ILE B 14 -8.07 -6.15 -37.56
N LYS B 15 -8.86 -5.43 -38.35
CA LYS B 15 -8.48 -4.06 -38.75
C LYS B 15 -8.27 -3.15 -37.56
N MET B 16 -9.24 -3.17 -36.66
CA MET B 16 -9.29 -2.31 -35.47
C MET B 16 -8.03 -2.51 -34.59
N ILE B 17 -7.65 -3.76 -34.33
CA ILE B 17 -6.51 -4.02 -33.46
C ILE B 17 -5.14 -3.91 -34.12
N PHE B 18 -5.03 -4.03 -35.42
CA PHE B 18 -3.74 -3.81 -36.10
C PHE B 18 -3.60 -2.46 -36.80
N ASP B 19 -4.46 -1.50 -36.47
CA ASP B 19 -4.41 -0.16 -37.04
C ASP B 19 -3.23 0.66 -36.55
N VAL B 20 -2.34 0.98 -37.48
CA VAL B 20 -1.15 1.81 -37.24
C VAL B 20 -1.46 3.22 -36.74
N GLU B 21 -2.45 3.89 -37.31
CA GLU B 21 -2.77 5.24 -36.86
C GLU B 21 -3.30 5.26 -35.43
N SER B 22 -4.12 4.28 -35.05
CA SER B 22 -4.55 4.17 -33.66
C SER B 22 -3.35 4.11 -32.74
N MET B 23 -2.34 3.35 -33.16
CA MET B 23 -1.12 3.24 -32.39
C MET B 23 -0.51 4.62 -32.26
N LYS B 24 -0.22 5.24 -33.40
CA LYS B 24 0.35 6.60 -33.39
C LYS B 24 -0.48 7.60 -32.57
N LYS B 25 -1.79 7.55 -32.72
CA LYS B 25 -2.72 8.43 -32.04
C LYS B 25 -2.76 8.23 -30.52
N ALA B 26 -2.61 6.98 -30.05
CA ALA B 26 -2.46 6.72 -28.61
C ALA B 26 -1.15 7.27 -28.05
N MET B 27 -0.11 7.31 -28.87
CA MET B 27 1.16 7.92 -28.48
C MET B 27 1.02 9.42 -28.34
N VAL B 28 0.30 10.09 -29.24
CA VAL B 28 0.11 11.52 -29.06
C VAL B 28 -0.87 11.88 -27.91
N GLU B 29 -1.77 11.00 -27.48
CA GLU B 29 -2.56 11.29 -26.27
C GLU B 29 -1.67 11.41 -25.03
N TYR B 30 -0.64 10.58 -24.92
CA TYR B 30 0.41 10.74 -23.87
C TYR B 30 1.38 11.91 -24.10
N GLU B 31 1.23 12.65 -25.20
CA GLU B 31 2.10 13.78 -25.54
C GLU B 31 3.54 13.33 -25.84
N ILE B 32 3.68 12.11 -26.32
CA ILE B 32 4.97 11.60 -26.79
C ILE B 32 5.32 12.30 -28.10
N ASP B 33 6.60 12.56 -28.34
CA ASP B 33 7.03 13.31 -29.53
C ASP B 33 7.33 12.35 -30.65
N LEU B 34 6.36 12.15 -31.55
CA LEU B 34 6.50 11.22 -32.68
C LEU B 34 7.53 11.65 -33.71
N GLN B 35 7.75 12.94 -33.79
CA GLN B 35 8.83 13.51 -34.63
C GLN B 35 10.21 13.09 -34.06
N LYS B 36 10.34 13.02 -32.75
CA LYS B 36 11.57 12.57 -32.09
C LYS B 36 11.59 11.05 -31.86
N MET B 37 10.43 10.52 -31.48
CA MET B 37 10.25 9.11 -31.07
C MET B 37 9.14 8.50 -31.95
N PRO B 38 9.47 8.18 -33.22
CA PRO B 38 8.46 7.58 -34.11
C PRO B 38 8.15 6.12 -33.75
N LEU B 39 6.93 5.70 -34.03
CA LEU B 39 6.51 4.32 -33.74
C LEU B 39 7.55 3.24 -34.00
N GLY B 40 8.21 3.31 -35.15
CA GLY B 40 9.22 2.33 -35.52
C GLY B 40 10.44 2.30 -34.62
N LYS B 41 10.74 3.41 -33.95
CA LYS B 41 11.95 3.53 -33.12
C LYS B 41 11.76 3.08 -31.67
N LEU B 42 10.50 2.96 -31.26
CA LEU B 42 10.09 2.49 -29.93
C LEU B 42 10.53 1.05 -29.76
N SER B 43 11.41 0.78 -28.80
CA SER B 43 11.91 -0.59 -28.59
C SER B 43 11.53 -1.16 -27.26
N LYS B 44 11.67 -2.47 -27.20
CA LYS B 44 11.35 -3.29 -26.04
C LYS B 44 12.24 -2.83 -24.88
N ARG B 45 13.55 -2.86 -25.08
CA ARG B 45 14.45 -2.53 -23.96
C ARG B 45 14.48 -1.03 -23.57
N GLN B 46 13.93 -0.17 -24.39
CA GLN B 46 13.67 1.22 -23.99
C GLN B 46 12.60 1.28 -22.96
N ILE B 47 11.52 0.57 -23.20
CA ILE B 47 10.44 0.49 -22.27
C ILE B 47 10.89 -0.15 -20.92
N GLN B 48 11.68 -1.21 -20.97
CA GLN B 48 12.26 -1.75 -19.74
C GLN B 48 13.14 -0.73 -19.05
N ALA B 49 13.91 0.03 -19.81
CA ALA B 49 14.80 0.98 -19.22
C ALA B 49 14.00 2.10 -18.55
N ALA B 50 12.94 2.53 -19.20
CA ALA B 50 11.98 3.48 -18.63
C ALA B 50 11.37 2.98 -17.31
N TYR B 51 10.92 1.72 -17.30
CA TYR B 51 10.42 1.09 -16.06
C TYR B 51 11.45 1.17 -14.96
N SER B 52 12.70 0.97 -15.30
CA SER B 52 13.80 0.99 -14.32
C SER B 52 13.92 2.33 -13.64
N ILE B 53 13.75 3.40 -14.40
CA ILE B 53 13.84 4.74 -13.83
C ILE B 53 12.78 4.90 -12.75
N LEU B 54 11.56 4.50 -13.11
CA LEU B 54 10.40 4.55 -12.24
C LEU B 54 10.59 3.75 -10.98
N SER B 55 11.30 2.63 -11.10
CA SER B 55 11.70 1.83 -9.95
C SER B 55 12.71 2.56 -9.07
N GLU B 56 13.68 3.23 -9.72
CA GLU B 56 14.60 4.12 -9.01
C GLU B 56 13.82 5.26 -8.31
N VAL B 57 12.81 5.81 -8.96
CA VAL B 57 11.94 6.77 -8.28
C VAL B 57 11.25 6.12 -7.08
N GLN B 58 10.57 4.99 -7.26
CA GLN B 58 9.97 4.22 -6.16
C GLN B 58 10.96 4.11 -4.99
N GLN B 59 12.17 3.66 -5.31
CA GLN B 59 13.24 3.43 -4.33
C GLN B 59 13.65 4.71 -3.56
N ALA B 60 13.73 5.82 -4.26
CA ALA B 60 14.09 7.09 -3.63
C ALA B 60 12.91 7.76 -2.91
N VAL B 61 11.69 7.65 -3.43
CA VAL B 61 10.53 8.14 -2.68
C VAL B 61 10.50 7.47 -1.31
N SER B 62 10.86 6.18 -1.22
CA SER B 62 10.88 5.47 0.05
C SER B 62 11.76 6.08 1.17
N GLN B 63 12.52 7.16 0.89
CA GLN B 63 13.37 7.79 1.92
C GLN B 63 13.89 9.21 1.61
N GLY B 64 13.12 10.23 2.02
CA GLY B 64 13.51 11.65 1.84
C GLY B 64 14.93 12.00 2.29
N SER B 66 12.87 13.67 -1.32
CA SER B 66 13.99 14.51 -1.70
C SER B 66 14.10 14.57 -3.21
N ASP B 67 13.30 15.44 -3.83
CA ASP B 67 13.23 15.51 -5.30
C ASP B 67 14.52 16.05 -5.95
N SER B 68 15.65 16.07 -5.24
CA SER B 68 16.90 16.45 -5.88
C SER B 68 17.27 15.28 -6.79
N GLN B 69 17.33 14.12 -6.16
CA GLN B 69 17.53 12.84 -6.84
C GLN B 69 16.40 12.59 -7.86
N ILE B 70 15.17 12.89 -7.45
CA ILE B 70 13.96 12.61 -8.21
C ILE B 70 13.78 13.55 -9.42
N LEU B 71 14.28 14.79 -9.37
CA LEU B 71 14.31 15.66 -10.57
C LEU B 71 15.18 15.03 -11.61
N ASP B 72 16.40 14.65 -11.26
CA ASP B 72 17.31 14.02 -12.22
C ASP B 72 16.62 12.86 -12.91
N LEU B 73 16.02 11.98 -12.10
CA LEU B 73 15.32 10.80 -12.63
C LEU B 73 14.09 11.17 -13.47
N SER B 74 13.28 12.13 -13.01
CA SER B 74 12.15 12.62 -13.78
C SER B 74 12.61 13.15 -15.13
N ASN B 75 13.67 13.95 -15.09
CA ASN B 75 14.38 14.40 -16.29
C ASN B 75 14.90 13.34 -17.26
N ARG B 76 15.64 12.37 -16.74
CA ARG B 76 16.03 11.21 -17.53
C ARG B 76 14.88 10.53 -18.29
N PHE B 77 13.78 10.26 -17.57
CA PHE B 77 12.59 9.65 -18.13
C PHE B 77 12.14 10.41 -19.35
N TYR B 78 12.01 11.72 -19.22
CA TYR B 78 11.57 12.59 -20.31
C TYR B 78 12.56 12.75 -21.44
N THR B 79 13.82 12.44 -21.16
CA THR B 79 14.83 12.29 -22.17
C THR B 79 14.77 10.89 -22.80
N LEU B 80 14.52 9.87 -21.99
CA LEU B 80 14.44 8.49 -22.49
C LEU B 80 13.22 8.34 -23.41
N ILE B 81 12.08 8.85 -22.98
CA ILE B 81 10.87 8.88 -23.79
C ILE B 81 10.60 10.34 -24.08
N PRO B 82 10.92 10.81 -25.29
CA PRO B 82 10.79 12.24 -25.64
C PRO B 82 9.35 12.63 -25.71
N HIS B 83 8.97 13.71 -25.04
CA HIS B 83 7.62 14.19 -25.04
C HIS B 83 7.57 15.57 -25.66
N ASP B 84 6.41 15.94 -26.20
CA ASP B 84 6.15 17.30 -26.65
C ASP B 84 4.88 17.82 -25.96
N PHE B 85 5.12 18.36 -24.78
CA PHE B 85 4.36 19.49 -24.26
C PHE B 85 5.03 20.65 -25.02
N GLY B 86 6.36 20.48 -25.20
CA GLY B 86 7.15 21.03 -26.31
C GLY B 86 8.52 20.35 -26.60
N MET B 87 9.61 20.95 -26.10
CA MET B 87 11.00 20.50 -26.36
C MET B 87 11.72 20.07 -25.06
N LYS B 88 10.92 19.75 -24.04
CA LYS B 88 11.34 19.00 -22.82
C LYS B 88 11.89 19.73 -21.53
N LYS B 89 11.45 19.17 -20.40
CA LYS B 89 11.39 19.67 -18.96
C LYS B 89 9.80 19.91 -18.50
N PRO B 90 8.89 18.86 -18.55
CA PRO B 90 7.46 18.94 -18.12
C PRO B 90 7.03 18.26 -16.75
N PRO B 91 5.70 18.16 -16.47
CA PRO B 91 4.98 17.36 -15.45
C PRO B 91 5.67 16.28 -14.60
N LEU B 92 5.91 16.62 -13.34
CA LEU B 92 7.01 16.01 -12.60
C LEU B 92 6.71 14.64 -12.01
N LEU B 93 7.71 13.74 -12.04
CA LEU B 93 7.61 12.40 -11.47
C LEU B 93 8.13 12.37 -10.07
N ASN B 94 7.32 12.78 -9.11
CA ASN B 94 7.83 12.98 -7.75
C ASN B 94 7.09 12.20 -6.67
N ASN B 95 6.03 11.49 -7.04
CA ASN B 95 5.11 10.88 -6.07
C ASN B 95 4.58 9.52 -6.54
N ALA B 96 3.85 8.87 -5.66
CA ALA B 96 3.16 7.64 -5.96
C ALA B 96 2.26 7.74 -7.21
N ASP B 97 1.44 8.77 -7.29
CA ASP B 97 0.48 8.94 -8.42
C ASP B 97 1.16 9.02 -9.78
N SER B 98 2.29 9.71 -9.81
CA SER B 98 3.03 9.92 -11.04
C SER B 98 3.73 8.64 -11.47
N VAL B 99 4.26 7.89 -10.51
CA VAL B 99 4.77 6.56 -10.77
C VAL B 99 3.66 5.65 -11.34
N GLN B 100 2.43 5.77 -10.83
CA GLN B 100 1.32 4.94 -11.34
C GLN B 100 0.98 5.33 -12.74
N ALA B 101 0.86 6.63 -12.99
CA ALA B 101 0.45 7.10 -14.31
C ALA B 101 1.43 6.61 -15.39
N LYS B 102 2.72 6.80 -15.15
CA LYS B 102 3.74 6.42 -16.13
C LYS B 102 3.88 4.89 -16.23
N ALA B 103 3.63 4.18 -15.14
CA ALA B 103 3.64 2.71 -15.15
C ALA B 103 2.57 2.21 -16.07
N GLU B 104 1.42 2.86 -15.98
CA GLU B 104 0.31 2.53 -16.84
C GLU B 104 0.62 2.87 -18.31
N MET B 105 1.13 4.06 -18.59
CA MET B 105 1.50 4.41 -19.94
C MET B 105 2.47 3.38 -20.55
N LEU B 106 3.44 2.94 -19.77
CA LEU B 106 4.41 1.97 -20.25
C LEU B 106 3.80 0.56 -20.53
N ASP B 107 2.82 0.16 -19.75
CA ASP B 107 2.09 -1.08 -19.99
C ASP B 107 1.50 -0.99 -21.40
N ASN B 108 0.87 0.12 -21.66
CA ASN B 108 0.26 0.37 -22.94
C ASN B 108 1.27 0.48 -24.08
N LEU B 109 2.41 1.08 -23.82
CA LEU B 109 3.49 1.08 -24.81
C LEU B 109 4.12 -0.30 -25.07
N LEU B 110 4.35 -1.08 -24.01
CA LEU B 110 4.87 -2.45 -24.17
C LEU B 110 4.09 -3.22 -25.26
N ASP B 111 2.76 -3.06 -25.20
CA ASP B 111 1.83 -3.78 -26.05
C ASP B 111 1.72 -3.23 -27.45
N ILE B 112 1.80 -1.91 -27.57
CA ILE B 112 1.94 -1.31 -28.86
C ILE B 112 3.21 -1.78 -29.56
N GLU B 113 4.34 -1.80 -28.87
CA GLU B 113 5.56 -2.32 -29.46
C GLU B 113 5.33 -3.72 -30.00
N VAL B 114 4.69 -4.58 -29.19
CA VAL B 114 4.38 -5.97 -29.58
C VAL B 114 3.60 -6.00 -30.89
N ALA B 115 2.58 -5.16 -31.01
CA ALA B 115 1.70 -5.21 -32.18
C ALA B 115 2.45 -4.81 -33.45
N TYR B 116 3.23 -3.75 -33.33
CA TYR B 116 4.07 -3.30 -34.42
C TYR B 116 5.15 -4.30 -34.76
N SER B 117 5.69 -5.00 -33.78
CA SER B 117 6.73 -5.97 -34.06
C SER B 117 6.16 -7.17 -34.81
N LEU B 118 4.98 -7.61 -34.40
CA LEU B 118 4.23 -8.66 -35.10
C LEU B 118 3.99 -8.33 -36.54
N LEU B 119 3.43 -7.14 -36.72
CA LEU B 119 3.08 -6.58 -38.02
C LEU B 119 4.29 -6.46 -38.99
N ARG B 120 5.47 -6.24 -38.42
CA ARG B 120 6.72 -6.09 -39.17
C ARG B 120 7.59 -7.33 -39.10
N GLY B 121 7.06 -8.45 -38.62
CA GLY B 121 7.79 -9.72 -38.63
C GLY B 121 7.12 -10.80 -39.49
N GLY B 122 7.66 -12.00 -39.38
CA GLY B 122 7.25 -13.09 -40.23
C GLY B 122 7.48 -12.81 -41.71
N SER B 123 6.47 -13.19 -42.53
CA SER B 123 6.58 -13.28 -43.99
C SER B 123 5.58 -12.43 -44.78
N ASP B 124 6.14 -11.54 -45.60
CA ASP B 124 5.44 -10.86 -46.70
C ASP B 124 5.04 -11.90 -47.78
N ASP B 125 3.73 -12.12 -47.94
CA ASP B 125 3.17 -12.84 -49.08
C ASP B 125 1.98 -12.03 -49.58
N SER B 126 2.20 -11.25 -50.65
CA SER B 126 1.17 -10.34 -51.24
C SER B 126 -0.06 -11.05 -51.74
N SER B 127 0.06 -12.31 -52.13
CA SER B 127 -1.08 -13.02 -52.70
C SER B 127 -2.12 -13.46 -51.64
N LYS B 128 -1.83 -13.19 -50.36
CA LYS B 128 -2.79 -13.35 -49.26
C LYS B 128 -3.31 -11.99 -48.85
N ASP B 129 -4.59 -11.99 -48.47
CA ASP B 129 -5.23 -10.83 -47.89
C ASP B 129 -4.51 -10.45 -46.57
N PRO B 130 -4.08 -9.20 -46.42
CA PRO B 130 -3.39 -8.89 -45.16
C PRO B 130 -4.25 -9.22 -43.91
N ILE B 131 -5.57 -9.11 -44.03
CA ILE B 131 -6.46 -9.46 -42.93
C ILE B 131 -6.21 -10.88 -42.48
N ASP B 132 -6.10 -11.79 -43.44
CA ASP B 132 -5.85 -13.22 -43.17
C ASP B 132 -4.47 -13.43 -42.55
N VAL B 133 -3.48 -12.65 -43.01
CA VAL B 133 -2.10 -12.74 -42.49
C VAL B 133 -1.98 -12.28 -41.01
N ASN B 134 -2.55 -11.13 -40.71
CA ASN B 134 -2.59 -10.62 -39.36
C ASN B 134 -3.42 -11.51 -38.44
N TYR B 135 -4.53 -12.05 -38.93
CA TYR B 135 -5.24 -13.06 -38.17
C TYR B 135 -4.33 -14.23 -37.78
N GLU B 136 -3.60 -14.83 -38.74
CA GLU B 136 -2.75 -16.00 -38.40
C GLU B 136 -1.75 -15.61 -37.30
N LYS B 137 -1.22 -14.39 -37.38
CA LYS B 137 -0.23 -13.89 -36.40
C LYS B 137 -0.75 -13.84 -34.97
N LEU B 138 -2.06 -13.72 -34.80
CA LEU B 138 -2.65 -13.76 -33.48
C LEU B 138 -2.62 -15.10 -32.76
N LYS B 139 -2.26 -16.19 -33.43
CA LYS B 139 -2.25 -17.52 -32.77
C LYS B 139 -3.49 -17.73 -31.86
N THR B 140 -4.67 -17.45 -32.42
CA THR B 140 -5.94 -17.45 -31.72
C THR B 140 -7.07 -17.80 -32.69
N ASP B 141 -7.89 -18.77 -32.32
CA ASP B 141 -9.12 -19.03 -33.02
C ASP B 141 -10.14 -18.03 -32.51
N ILE B 142 -10.89 -17.41 -33.43
CA ILE B 142 -11.89 -16.41 -33.07
C ILE B 142 -13.16 -16.75 -33.79
N LYS B 143 -14.22 -17.04 -33.03
CA LYS B 143 -15.53 -17.33 -33.60
C LYS B 143 -16.50 -16.24 -33.18
N VAL B 144 -17.45 -15.92 -34.07
CA VAL B 144 -18.55 -15.03 -33.75
C VAL B 144 -19.56 -15.89 -32.99
N VAL B 145 -19.96 -15.45 -31.82
CA VAL B 145 -21.02 -16.12 -31.09
C VAL B 145 -22.35 -15.71 -31.70
N ASP B 146 -23.28 -16.65 -31.74
CA ASP B 146 -24.61 -16.44 -32.29
C ASP B 146 -25.43 -15.59 -31.31
N ARG B 147 -26.01 -14.50 -31.79
CA ARG B 147 -26.88 -13.61 -30.98
C ARG B 147 -27.94 -14.31 -30.14
N ASP B 148 -28.55 -15.32 -30.71
CA ASP B 148 -29.67 -16.00 -30.09
C ASP B 148 -29.25 -17.05 -29.10
N SER B 149 -27.96 -17.43 -29.07
CA SER B 149 -27.51 -18.48 -28.17
C SER B 149 -27.72 -18.11 -26.71
N GLU B 150 -27.72 -19.16 -25.90
CA GLU B 150 -27.86 -19.06 -24.45
C GLU B 150 -26.67 -18.29 -23.89
N GLU B 151 -25.47 -18.65 -24.31
CA GLU B 151 -24.25 -17.94 -23.86
C GLU B 151 -24.27 -16.45 -24.24
N ALA B 152 -24.77 -16.10 -25.42
CA ALA B 152 -24.92 -14.68 -25.78
C ALA B 152 -25.93 -13.95 -24.91
N GLU B 153 -26.93 -14.66 -24.38
CA GLU B 153 -27.91 -14.04 -23.50
C GLU B 153 -27.35 -13.82 -22.13
N ILE B 154 -26.58 -14.79 -21.63
CA ILE B 154 -25.92 -14.66 -20.35
C ILE B 154 -24.95 -13.46 -20.39
N ILE B 155 -24.11 -13.44 -21.41
CA ILE B 155 -23.22 -12.32 -21.60
C ILE B 155 -24.00 -11.00 -21.59
N ARG B 156 -25.06 -10.89 -22.38
CA ARG B 156 -25.86 -9.65 -22.40
C ARG B 156 -26.38 -9.24 -21.05
N LYS B 157 -26.81 -10.22 -20.27
CA LYS B 157 -27.32 -9.93 -18.92
C LYS B 157 -26.20 -9.43 -18.01
N TYR B 158 -25.04 -10.05 -18.15
CA TYR B 158 -23.87 -9.64 -17.38
C TYR B 158 -23.56 -8.15 -17.61
N VAL B 159 -23.60 -7.70 -18.86
CA VAL B 159 -23.46 -6.29 -19.23
C VAL B 159 -24.69 -5.49 -18.77
N LYS B 160 -25.88 -6.03 -18.95
CA LYS B 160 -27.09 -5.27 -18.61
C LYS B 160 -27.16 -4.90 -17.11
N ASN B 161 -26.76 -5.80 -16.23
CA ASN B 161 -26.97 -5.67 -14.80
C ASN B 161 -25.78 -5.10 -14.05
N THR B 162 -24.58 -5.06 -14.63
CA THR B 162 -23.40 -4.72 -13.84
C THR B 162 -22.73 -3.43 -14.27
N HIS B 163 -23.54 -2.54 -14.84
CA HIS B 163 -23.15 -1.19 -15.10
C HIS B 163 -23.48 -0.34 -13.87
N ALA B 164 -22.42 0.13 -13.21
CA ALA B 164 -22.55 0.92 -11.98
C ALA B 164 -23.21 2.27 -12.21
N THR B 165 -24.14 2.64 -11.32
CA THR B 165 -24.75 3.97 -11.33
C THR B 165 -23.75 5.12 -11.36
N THR B 166 -22.61 4.97 -10.67
CA THR B 166 -21.56 6.02 -10.64
C THR B 166 -20.84 6.21 -11.97
N HIS B 167 -20.70 5.13 -12.74
CA HIS B 167 -20.13 5.20 -14.10
C HIS B 167 -21.19 5.54 -15.14
N ASN B 168 -21.80 6.72 -14.98
CA ASN B 168 -22.92 7.12 -15.83
C ASN B 168 -22.56 8.09 -16.96
N ALA B 169 -21.27 8.32 -17.15
CA ALA B 169 -20.74 9.01 -18.33
C ALA B 169 -21.32 8.46 -19.65
N TYR B 170 -21.60 7.16 -19.69
CA TYR B 170 -22.00 6.47 -20.91
C TYR B 170 -22.93 5.31 -20.59
N ASP B 171 -23.55 4.77 -21.63
CA ASP B 171 -24.09 3.42 -21.55
C ASP B 171 -23.44 2.54 -22.63
N LEU B 172 -23.77 1.24 -22.61
CA LEU B 172 -23.13 0.21 -23.41
C LEU B 172 -24.11 -0.56 -24.25
N GLU B 173 -23.75 -0.79 -25.52
CA GLU B 173 -24.41 -1.80 -26.39
C GLU B 173 -23.38 -2.84 -26.72
N VAL B 174 -23.81 -4.07 -26.94
CA VAL B 174 -22.92 -5.13 -27.38
C VAL B 174 -23.03 -5.25 -28.88
N ILE B 175 -22.01 -4.84 -29.63
CA ILE B 175 -21.99 -5.08 -31.07
C ILE B 175 -21.78 -6.58 -31.35
N ASP B 176 -20.58 -7.07 -31.04
CA ASP B 176 -20.17 -8.42 -31.34
C ASP B 176 -19.72 -9.11 -30.07
N ILE B 177 -20.01 -10.40 -29.97
CA ILE B 177 -19.47 -11.26 -28.95
C ILE B 177 -18.66 -12.33 -29.67
N PHE B 178 -17.39 -12.45 -29.35
CA PHE B 178 -16.53 -13.47 -29.97
C PHE B 178 -16.14 -14.56 -28.98
N LYS B 179 -16.17 -15.82 -29.40
CA LYS B 179 -15.52 -16.87 -28.59
C LYS B 179 -14.11 -16.96 -29.10
N ILE B 180 -13.15 -17.00 -28.16
CA ILE B 180 -11.71 -16.97 -28.47
C ILE B 180 -10.94 -18.06 -27.74
N GLU B 181 -9.91 -18.54 -28.39
CA GLU B 181 -9.16 -19.64 -27.91
C GLU B 181 -7.72 -19.43 -28.31
N ARG B 182 -6.95 -18.88 -27.40
CA ARG B 182 -5.54 -18.64 -27.66
C ARG B 182 -4.76 -19.94 -27.69
N GLU B 183 -3.88 -20.05 -28.68
CA GLU B 183 -3.10 -21.26 -28.85
C GLU B 183 -2.30 -21.55 -27.57
N GLY B 184 -2.42 -22.77 -27.05
CA GLY B 184 -1.67 -23.20 -25.90
C GLY B 184 -2.23 -22.84 -24.54
N GLU B 185 -3.29 -22.04 -24.47
CA GLU B 185 -3.74 -21.51 -23.18
C GLU B 185 -4.51 -22.51 -22.36
N CYS B 186 -5.25 -23.41 -23.01
CA CYS B 186 -6.01 -24.42 -22.26
C CYS B 186 -5.10 -25.49 -21.62
N GLN B 187 -4.07 -25.91 -22.34
CA GLN B 187 -3.01 -26.75 -21.76
C GLN B 187 -2.41 -26.10 -20.49
N ARG B 188 -2.18 -24.79 -20.58
CA ARG B 188 -1.52 -24.02 -19.54
C ARG B 188 -2.38 -23.79 -18.31
N TYR B 189 -3.68 -23.71 -18.56
CA TYR B 189 -4.68 -23.54 -17.53
C TYR B 189 -4.97 -24.87 -16.81
N LYS B 190 -4.64 -25.98 -17.48
CA LYS B 190 -5.04 -27.30 -17.04
C LYS B 190 -4.86 -27.48 -15.53
N PRO B 191 -3.66 -27.18 -14.97
CA PRO B 191 -3.47 -27.33 -13.53
C PRO B 191 -4.39 -26.51 -12.61
N PHE B 192 -5.04 -25.47 -13.15
CA PHE B 192 -6.00 -24.71 -12.36
C PHE B 192 -7.46 -24.99 -12.67
N LYS B 193 -7.73 -25.83 -13.67
CA LYS B 193 -9.10 -25.99 -14.17
C LYS B 193 -10.05 -26.57 -13.13
N GLN B 194 -9.53 -27.41 -12.24
CA GLN B 194 -10.36 -28.07 -11.19
C GLN B 194 -10.25 -27.42 -9.81
N LEU B 195 -9.61 -26.26 -9.72
CA LEU B 195 -9.57 -25.47 -8.50
C LEU B 195 -10.92 -24.82 -8.18
N HIS B 196 -11.20 -24.71 -6.89
CA HIS B 196 -12.38 -23.98 -6.45
C HIS B 196 -12.35 -22.45 -6.77
N ASN B 197 -13.52 -21.83 -6.75
CA ASN B 197 -13.72 -20.41 -7.01
C ASN B 197 -13.19 -19.99 -8.39
N ARG B 198 -13.88 -20.48 -9.39
CA ARG B 198 -13.64 -20.06 -10.72
C ARG B 198 -14.79 -19.12 -11.04
N ARG B 199 -14.46 -17.88 -11.42
CA ARG B 199 -15.42 -16.87 -11.79
C ARG B 199 -15.13 -16.38 -13.21
N LEU B 200 -16.17 -15.95 -13.89
CA LEU B 200 -16.04 -15.33 -15.21
C LEU B 200 -16.01 -13.83 -15.02
N LEU B 201 -14.91 -13.21 -15.37
CA LEU B 201 -14.67 -11.83 -14.99
C LEU B 201 -14.18 -10.98 -16.13
N TRP B 202 -14.51 -9.71 -16.04
CA TRP B 202 -14.16 -8.69 -17.02
C TRP B 202 -12.69 -8.26 -16.94
N HIS B 203 -12.04 -8.08 -18.08
CA HIS B 203 -10.83 -7.26 -18.12
C HIS B 203 -10.91 -6.38 -19.36
N GLY B 204 -10.88 -5.06 -19.14
CA GLY B 204 -10.92 -4.07 -20.22
C GLY B 204 -9.56 -3.49 -20.47
N SER B 205 -9.34 -3.06 -21.70
CA SER B 205 -8.02 -2.54 -22.12
C SER B 205 -8.20 -1.74 -23.40
N ARG B 206 -7.35 -0.75 -23.61
CA ARG B 206 -7.42 -0.04 -24.88
C ARG B 206 -7.13 -0.99 -26.03
N THR B 207 -7.63 -0.62 -27.19
CA THR B 207 -7.77 -1.49 -28.31
C THR B 207 -6.37 -1.63 -28.93
N THR B 208 -5.55 -0.59 -28.79
CA THR B 208 -4.13 -0.71 -29.09
C THR B 208 -3.38 -1.79 -28.25
N ASN B 209 -3.98 -2.43 -27.23
CA ASN B 209 -3.32 -3.50 -26.50
C ASN B 209 -3.75 -4.89 -26.95
N PHE B 210 -4.80 -5.01 -27.75
CA PHE B 210 -5.37 -6.34 -28.00
C PHE B 210 -4.56 -7.27 -28.88
N ALA B 211 -3.78 -6.72 -29.79
CA ALA B 211 -2.91 -7.56 -30.60
C ALA B 211 -1.93 -8.25 -29.69
N GLY B 212 -1.38 -7.51 -28.76
CA GLY B 212 -0.53 -8.07 -27.75
C GLY B 212 -1.25 -9.01 -26.80
N ILE B 213 -2.43 -8.60 -26.36
CA ILE B 213 -3.17 -9.43 -25.44
C ILE B 213 -3.55 -10.75 -26.08
N LEU B 214 -3.90 -10.75 -27.36
CA LEU B 214 -4.28 -11.98 -28.02
C LEU B 214 -3.06 -12.82 -28.38
N SER B 215 -1.95 -12.22 -28.81
CA SER B 215 -0.75 -13.05 -29.11
C SER B 215 -0.12 -13.60 -27.84
N GLN B 216 0.10 -12.74 -26.83
CA GLN B 216 0.81 -13.12 -25.59
C GLN B 216 -0.04 -13.53 -24.41
N GLY B 217 -1.32 -13.17 -24.43
CA GLY B 217 -2.21 -13.31 -23.28
C GLY B 217 -2.10 -12.16 -22.33
N LEU B 218 -2.86 -12.21 -21.26
CA LEU B 218 -2.74 -11.19 -20.24
C LEU B 218 -1.49 -11.51 -19.43
N ARG B 219 -0.63 -10.49 -19.21
CA ARG B 219 0.66 -10.68 -18.57
C ARG B 219 0.90 -9.87 -17.31
N ILE B 220 1.88 -10.34 -16.56
CA ILE B 220 2.42 -9.63 -15.43
C ILE B 220 3.37 -8.56 -15.98
N ALA B 221 3.23 -7.33 -15.47
CA ALA B 221 4.23 -6.30 -15.67
C ALA B 221 5.66 -6.92 -15.58
N PRO B 222 6.57 -6.58 -16.48
CA PRO B 222 7.89 -7.18 -16.37
C PRO B 222 8.66 -6.79 -15.10
N PRO B 223 9.72 -7.56 -14.76
CA PRO B 223 10.38 -7.37 -13.46
C PRO B 223 11.01 -6.00 -13.23
N GLU B 224 11.23 -5.25 -14.30
CA GLU B 224 11.75 -3.90 -14.17
C GLU B 224 10.70 -2.89 -13.67
N ALA B 225 9.41 -3.22 -13.82
CA ALA B 225 8.33 -2.36 -13.36
C ALA B 225 8.28 -2.26 -11.82
N PRO B 226 7.95 -1.07 -11.28
CA PRO B 226 7.77 -0.84 -9.85
C PRO B 226 6.50 -1.51 -9.36
N VAL B 227 6.63 -2.42 -8.41
CA VAL B 227 5.43 -3.02 -7.78
C VAL B 227 4.52 -1.92 -7.17
N THR B 228 5.10 -0.80 -6.71
CA THR B 228 4.36 0.44 -6.31
C THR B 228 3.48 1.07 -7.40
N GLY B 229 3.72 0.82 -8.70
CA GLY B 229 2.86 1.38 -9.77
C GLY B 229 1.43 0.84 -9.88
N TYR B 230 1.14 -0.24 -9.16
CA TYR B 230 -0.13 -0.92 -9.27
C TYR B 230 -0.68 -1.15 -7.87
N MET B 231 -1.97 -0.87 -7.70
CA MET B 231 -2.61 -0.93 -6.38
C MET B 231 -2.38 -2.26 -5.62
N PHE B 232 -2.49 -3.40 -6.32
CA PHE B 232 -2.33 -4.68 -5.70
C PHE B 232 -1.14 -5.41 -6.24
N GLY B 233 -0.18 -4.64 -6.70
CA GLY B 233 1.07 -5.17 -7.17
C GLY B 233 1.03 -5.71 -8.58
N LYS B 234 2.07 -6.46 -8.89
CA LYS B 234 2.30 -7.00 -10.20
C LYS B 234 1.55 -8.30 -10.37
N GLY B 235 0.27 -8.16 -10.70
CA GLY B 235 -0.61 -9.28 -11.03
C GLY B 235 -1.42 -8.96 -12.25
N ILE B 236 -2.51 -9.68 -12.45
CA ILE B 236 -3.47 -9.47 -13.55
C ILE B 236 -4.82 -9.11 -12.95
N TYR B 237 -5.44 -8.06 -13.45
CA TYR B 237 -6.52 -7.38 -12.76
C TYR B 237 -7.87 -7.64 -13.42
N PHE B 238 -8.88 -8.01 -12.64
CA PHE B 238 -10.22 -8.26 -13.16
C PHE B 238 -11.22 -7.57 -12.29
N ALA B 239 -12.41 -7.35 -12.86
CA ALA B 239 -13.54 -6.84 -12.12
C ALA B 239 -14.75 -7.72 -12.40
N ASP B 240 -15.72 -7.67 -11.49
CA ASP B 240 -17.05 -8.27 -11.70
C ASP B 240 -18.12 -7.28 -12.18
N MET B 241 -17.83 -5.98 -12.12
CA MET B 241 -18.65 -4.91 -12.74
C MET B 241 -18.08 -4.58 -14.12
N VAL B 242 -18.89 -4.70 -15.16
CA VAL B 242 -18.44 -4.41 -16.55
C VAL B 242 -17.94 -2.98 -16.73
N SER B 243 -18.58 -2.04 -16.05
CA SER B 243 -18.29 -0.62 -16.19
C SER B 243 -16.94 -0.25 -15.59
N LYS B 244 -16.62 -0.88 -14.47
CA LYS B 244 -15.28 -0.71 -13.86
C LYS B 244 -14.15 -1.13 -14.81
N SER B 245 -14.31 -2.28 -15.48
CA SER B 245 -13.37 -2.72 -16.53
C SER B 245 -13.48 -1.85 -17.80
N ALA B 246 -14.71 -1.47 -18.17
CA ALA B 246 -14.94 -0.64 -19.35
C ALA B 246 -14.18 0.67 -19.31
N ASN B 247 -14.06 1.22 -18.10
CA ASN B 247 -13.31 2.45 -17.90
C ASN B 247 -11.84 2.29 -18.26
N TYR B 248 -11.29 1.09 -18.11
CA TYR B 248 -9.92 0.82 -18.57
C TYR B 248 -9.76 0.69 -20.09
N CYS B 249 -10.84 0.65 -20.86
CA CYS B 249 -10.74 0.74 -22.33
C CYS B 249 -10.28 2.10 -22.83
N HIS B 250 -10.56 3.14 -22.05
CA HIS B 250 -10.21 4.52 -22.41
C HIS B 250 -10.78 4.98 -23.73
N THR B 251 -12.05 4.67 -23.91
CA THR B 251 -12.82 5.15 -25.01
C THR B 251 -13.22 6.60 -24.77
N SER B 252 -13.56 7.28 -25.85
CA SER B 252 -14.01 8.68 -25.85
C SER B 252 -15.12 8.85 -26.88
N GLN B 253 -15.75 10.02 -26.99
CA GLN B 253 -16.60 10.29 -28.17
C GLN B 253 -15.84 10.18 -29.49
N GLY B 254 -14.54 10.52 -29.44
CA GLY B 254 -13.67 10.49 -30.60
C GLY B 254 -13.65 9.11 -31.20
N ASP B 255 -13.24 8.13 -30.39
CA ASP B 255 -13.34 6.68 -30.67
C ASP B 255 -14.14 6.02 -29.53
N PRO B 256 -15.46 5.84 -29.74
CA PRO B 256 -16.36 5.25 -28.72
C PRO B 256 -16.59 3.72 -28.81
N ILE B 257 -15.84 3.02 -29.67
CA ILE B 257 -15.88 1.56 -29.75
C ILE B 257 -14.80 1.00 -28.85
N GLY B 258 -15.16 0.19 -27.86
CA GLY B 258 -14.16 -0.49 -27.03
C GLY B 258 -14.24 -1.99 -27.09
N LEU B 259 -13.20 -2.64 -26.57
CA LEU B 259 -13.07 -4.08 -26.49
C LEU B 259 -12.77 -4.52 -25.07
N ILE B 260 -13.38 -5.61 -24.65
CA ILE B 260 -13.31 -6.06 -23.28
C ILE B 260 -13.43 -7.57 -23.25
N LEU B 261 -12.64 -8.18 -22.37
CA LEU B 261 -12.56 -9.64 -22.23
C LEU B 261 -13.41 -10.18 -21.10
N LEU B 262 -13.92 -11.35 -21.33
CA LEU B 262 -14.40 -12.21 -20.28
C LEU B 262 -13.39 -13.34 -20.17
N GLY B 263 -12.86 -13.52 -18.97
CA GLY B 263 -11.83 -14.52 -18.67
C GLY B 263 -12.35 -15.48 -17.62
N GLU B 264 -12.05 -16.78 -17.76
CA GLU B 264 -12.25 -17.70 -16.62
C GLU B 264 -11.07 -17.47 -15.70
N VAL B 265 -11.35 -17.10 -14.45
CA VAL B 265 -10.28 -16.84 -13.50
C VAL B 265 -10.27 -17.81 -12.32
N ALA B 266 -9.20 -18.56 -12.17
CA ALA B 266 -9.08 -19.51 -11.04
C ALA B 266 -8.71 -18.80 -9.74
N LEU B 267 -9.70 -18.35 -8.98
CA LEU B 267 -9.44 -17.47 -7.86
C LEU B 267 -9.03 -18.20 -6.58
N GLY B 268 -9.61 -19.38 -6.36
CA GLY B 268 -9.30 -20.19 -5.20
C GLY B 268 -9.57 -19.50 -3.86
N ASN B 269 -8.54 -19.38 -3.06
CA ASN B 269 -8.65 -18.81 -1.74
C ASN B 269 -8.26 -17.40 -1.94
N MET B 270 -9.17 -16.50 -1.60
CA MET B 270 -8.99 -15.07 -1.83
C MET B 270 -8.39 -14.44 -0.58
N TYR B 271 -7.37 -13.60 -0.75
CA TYR B 271 -6.87 -12.77 0.33
C TYR B 271 -7.57 -11.41 0.24
N GLU B 272 -8.43 -11.15 1.22
CA GLU B 272 -9.36 -10.02 1.14
C GLU B 272 -8.78 -8.78 1.76
N LEU B 273 -8.68 -7.72 0.95
CA LEU B 273 -7.95 -6.50 1.29
C LEU B 273 -8.81 -5.31 0.93
N LYS B 274 -8.82 -4.29 1.76
CA LYS B 274 -9.62 -3.10 1.54
C LYS B 274 -8.81 -1.94 1.02
N HIS B 275 -7.49 -2.03 1.16
CA HIS B 275 -6.59 -0.95 0.81
C HIS B 275 -5.40 -1.54 0.13
N ALA B 276 -4.60 -0.64 -0.45
CA ALA B 276 -3.50 -1.00 -1.34
C ALA B 276 -2.46 -1.81 -0.63
N SER B 277 -1.79 -2.61 -1.41
CA SER B 277 -0.85 -3.59 -0.91
C SER B 277 -0.03 -4.07 -2.12
N HIS B 278 1.21 -3.60 -2.21
CA HIS B 278 2.10 -3.78 -3.36
C HIS B 278 2.97 -5.03 -3.28
N ILE B 279 2.38 -6.15 -3.67
CA ILE B 279 3.03 -7.44 -3.61
C ILE B 279 3.36 -8.00 -5.00
N SER B 280 4.26 -9.00 -5.01
CA SER B 280 4.62 -9.77 -6.21
C SER B 280 4.16 -11.25 -6.20
N LYS B 281 4.18 -11.88 -5.03
CA LYS B 281 3.64 -13.24 -4.80
C LYS B 281 2.60 -13.16 -3.67
N LEU B 282 1.83 -14.23 -3.51
CA LEU B 282 0.88 -14.34 -2.40
C LEU B 282 1.45 -15.21 -1.30
N PRO B 283 0.90 -15.10 -0.10
CA PRO B 283 1.33 -15.99 0.98
C PRO B 283 1.08 -17.45 0.67
N LYS B 284 1.70 -18.31 1.43
CA LYS B 284 1.50 -19.75 1.27
C LYS B 284 0.02 -20.06 1.61
N GLY B 285 -0.70 -20.75 0.71
CA GLY B 285 -2.15 -21.01 0.88
C GLY B 285 -3.19 -20.01 0.34
N LYS B 286 -2.78 -18.85 -0.19
CA LYS B 286 -3.69 -17.98 -0.97
C LYS B 286 -3.44 -18.09 -2.44
N HIS B 287 -4.49 -18.02 -3.25
CA HIS B 287 -4.38 -18.02 -4.74
C HIS B 287 -4.75 -16.71 -5.51
N SER B 288 -5.26 -15.71 -4.80
CA SER B 288 -5.68 -14.47 -5.41
C SER B 288 -5.96 -13.44 -4.33
N VAL B 289 -5.97 -12.18 -4.72
CA VAL B 289 -6.44 -11.12 -3.87
C VAL B 289 -7.85 -10.76 -4.31
N LYS B 290 -8.66 -10.39 -3.32
CA LYS B 290 -9.93 -9.77 -3.58
C LYS B 290 -9.95 -8.39 -2.92
N GLY B 291 -9.90 -7.36 -3.75
CA GLY B 291 -10.07 -6.00 -3.30
C GLY B 291 -11.54 -5.87 -3.03
N LEU B 292 -11.87 -5.64 -1.76
CA LEU B 292 -13.26 -5.60 -1.31
C LEU B 292 -13.87 -4.22 -1.65
N GLY B 293 -14.90 -4.24 -2.50
CA GLY B 293 -15.64 -3.05 -2.88
C GLY B 293 -16.80 -2.75 -1.96
N LYS B 294 -17.30 -1.53 -2.06
CA LYS B 294 -18.46 -1.08 -1.30
C LYS B 294 -19.72 -1.74 -1.84
N THR B 295 -19.87 -1.72 -3.17
CA THR B 295 -21.00 -2.33 -3.89
C THR B 295 -20.59 -3.67 -4.56
N THR B 296 -21.43 -4.69 -4.40
CA THR B 296 -21.17 -5.99 -5.01
C THR B 296 -22.37 -6.54 -5.73
N PRO B 297 -22.13 -7.31 -6.82
CA PRO B 297 -23.20 -8.09 -7.45
C PRO B 297 -23.92 -9.03 -6.46
N ASP B 298 -25.22 -8.80 -6.28
CA ASP B 298 -26.10 -9.64 -5.44
C ASP B 298 -25.69 -11.10 -5.57
N PRO B 299 -25.21 -11.73 -4.49
CA PRO B 299 -24.75 -13.12 -4.58
C PRO B 299 -25.84 -14.15 -4.80
N SER B 300 -27.06 -13.86 -4.40
CA SER B 300 -28.18 -14.75 -4.71
C SER B 300 -28.47 -14.84 -6.22
N ALA B 301 -28.03 -13.86 -7.01
CA ALA B 301 -28.23 -13.88 -8.47
C ALA B 301 -27.15 -14.64 -9.32
N ASN B 302 -26.19 -15.31 -8.67
CA ASN B 302 -25.16 -16.11 -9.37
C ASN B 302 -25.66 -17.25 -10.24
N ILE B 303 -24.96 -17.48 -11.34
CA ILE B 303 -25.38 -18.38 -12.42
C ILE B 303 -24.14 -19.04 -13.02
N SER B 304 -24.23 -20.34 -13.31
CA SER B 304 -23.12 -21.12 -13.88
C SER B 304 -23.22 -21.14 -15.41
N LEU B 305 -22.12 -20.83 -16.08
CA LEU B 305 -21.99 -20.97 -17.54
C LEU B 305 -20.81 -21.88 -17.68
N ASP B 306 -21.06 -23.09 -18.20
CA ASP B 306 -19.99 -24.03 -18.50
C ASP B 306 -19.12 -24.32 -17.28
N GLY B 307 -19.78 -24.54 -16.15
CA GLY B 307 -19.09 -24.86 -14.90
C GLY B 307 -18.33 -23.72 -14.26
N VAL B 308 -18.58 -22.45 -14.65
CA VAL B 308 -17.93 -21.27 -14.06
C VAL B 308 -18.98 -20.28 -13.57
N ASP B 309 -18.87 -19.82 -12.32
CA ASP B 309 -19.83 -18.83 -11.81
C ASP B 309 -19.73 -17.52 -12.57
N VAL B 310 -20.88 -16.95 -12.86
CA VAL B 310 -20.95 -15.64 -13.44
C VAL B 310 -21.68 -14.81 -12.41
N PRO B 311 -21.03 -13.80 -11.86
CA PRO B 311 -21.66 -12.96 -10.83
C PRO B 311 -22.41 -11.80 -11.45
N LEU B 312 -23.51 -12.11 -12.13
CA LEU B 312 -24.28 -11.12 -12.91
C LEU B 312 -25.47 -10.45 -12.16
N GLY B 313 -25.48 -10.54 -10.82
CA GLY B 313 -26.49 -9.82 -10.02
C GLY B 313 -26.37 -8.32 -10.17
N THR B 314 -27.44 -7.57 -9.92
CA THR B 314 -27.32 -6.10 -9.84
C THR B 314 -26.70 -5.70 -8.51
N GLY B 315 -26.18 -4.48 -8.49
CA GLY B 315 -25.39 -4.01 -7.36
C GLY B 315 -26.18 -3.83 -6.06
N ILE B 316 -25.65 -4.38 -4.98
CA ILE B 316 -26.16 -4.11 -3.62
C ILE B 316 -25.00 -3.70 -2.71
N SER B 317 -25.30 -3.18 -1.52
CA SER B 317 -24.26 -2.90 -0.51
C SER B 317 -23.63 -4.21 -0.01
N SER B 318 -22.29 -4.27 -0.04
CA SER B 318 -21.53 -5.46 0.38
C SER B 318 -21.39 -5.66 1.89
N GLY B 319 -21.54 -4.59 2.69
CA GLY B 319 -21.24 -4.61 4.12
C GLY B 319 -19.98 -3.84 4.52
N VAL B 320 -18.99 -3.79 3.63
CA VAL B 320 -17.62 -3.37 3.98
C VAL B 320 -17.50 -1.88 4.34
N ASN B 321 -16.68 -1.63 5.38
CA ASN B 321 -16.69 -0.37 6.13
C ASN B 321 -15.68 0.68 5.60
N ASP B 322 -14.42 0.54 5.99
CA ASP B 322 -13.39 1.52 5.73
C ASP B 322 -12.65 0.88 4.57
N THR B 323 -13.09 1.17 3.36
CA THR B 323 -12.46 0.60 2.17
C THR B 323 -12.14 1.66 1.17
N SER B 324 -11.05 1.43 0.44
CA SER B 324 -10.57 2.34 -0.57
C SER B 324 -11.30 2.15 -1.89
N LEU B 325 -12.05 1.05 -2.03
CA LEU B 325 -12.59 0.62 -3.30
C LEU B 325 -14.09 0.72 -3.39
N LEU B 326 -14.56 1.45 -4.38
CA LEU B 326 -15.97 1.50 -4.66
C LEU B 326 -16.44 0.13 -5.09
N TYR B 327 -15.77 -0.50 -6.05
CA TYR B 327 -16.24 -1.82 -6.53
C TYR B 327 -15.16 -2.85 -6.37
N ASN B 328 -15.58 -4.11 -6.41
CA ASN B 328 -14.67 -5.21 -6.30
C ASN B 328 -13.64 -5.26 -7.43
N GLU B 329 -12.65 -6.09 -7.19
CA GLU B 329 -11.43 -6.09 -7.92
C GLU B 329 -10.77 -7.42 -7.55
N TYR B 330 -10.40 -8.17 -8.57
CA TYR B 330 -9.82 -9.48 -8.38
C TYR B 330 -8.47 -9.51 -9.08
N ILE B 331 -7.47 -10.07 -8.41
CA ILE B 331 -6.11 -10.10 -8.92
C ILE B 331 -5.50 -11.48 -8.79
N VAL B 332 -4.72 -11.89 -9.80
CA VAL B 332 -3.92 -13.12 -9.75
C VAL B 332 -2.46 -12.83 -10.12
N TYR B 333 -1.57 -13.70 -9.65
CA TYR B 333 -0.12 -13.47 -9.69
C TYR B 333 0.62 -14.57 -10.45
N ASP B 334 -0.10 -15.26 -11.33
CA ASP B 334 0.45 -16.32 -12.15
C ASP B 334 -0.44 -16.39 -13.39
N ILE B 335 0.16 -16.25 -14.56
CA ILE B 335 -0.59 -16.10 -15.82
C ILE B 335 -1.44 -17.33 -16.13
N ALA B 336 -0.98 -18.48 -15.67
CA ALA B 336 -1.70 -19.72 -15.86
C ALA B 336 -3.05 -19.81 -15.18
N GLN B 337 -3.37 -18.90 -14.27
CA GLN B 337 -4.70 -18.91 -13.64
C GLN B 337 -5.80 -18.24 -14.46
N VAL B 338 -5.51 -17.95 -15.72
CA VAL B 338 -6.41 -17.21 -16.60
C VAL B 338 -6.60 -18.00 -17.87
N ASN B 339 -7.86 -18.31 -18.16
CA ASN B 339 -8.26 -18.82 -19.48
C ASN B 339 -9.25 -17.82 -20.10
N LEU B 340 -8.85 -17.22 -21.23
CA LEU B 340 -9.66 -16.19 -21.92
C LEU B 340 -10.64 -16.86 -22.82
N LYS B 341 -11.88 -16.41 -22.73
CA LYS B 341 -13.03 -17.12 -23.25
C LYS B 341 -13.82 -16.30 -24.27
N TYR B 342 -14.14 -15.06 -23.94
CA TYR B 342 -14.86 -14.21 -24.89
C TYR B 342 -14.24 -12.84 -24.97
N LEU B 343 -14.41 -12.23 -26.14
CA LEU B 343 -14.02 -10.87 -26.40
C LEU B 343 -15.26 -10.13 -26.92
N LEU B 344 -15.68 -9.09 -26.21
CA LEU B 344 -16.83 -8.27 -26.64
C LEU B 344 -16.38 -7.01 -27.30
N LYS B 345 -17.04 -6.65 -28.39
CA LYS B 345 -16.94 -5.30 -28.90
C LYS B 345 -18.11 -4.54 -28.35
N LEU B 346 -17.84 -3.39 -27.75
CA LEU B 346 -18.87 -2.55 -27.15
C LEU B 346 -18.84 -1.16 -27.72
N LYS B 347 -20.03 -0.59 -27.90
CA LYS B 347 -20.23 0.79 -28.26
C LYS B 347 -20.48 1.55 -26.97
N PHE B 348 -19.79 2.65 -26.77
CA PHE B 348 -20.06 3.52 -25.60
C PHE B 348 -20.90 4.69 -26.08
N ASN B 349 -22.10 4.84 -25.53
CA ASN B 349 -22.95 5.97 -25.89
C ASN B 349 -22.95 6.98 -24.74
N PHE B 350 -22.17 8.04 -24.94
CA PHE B 350 -21.95 9.07 -23.90
C PHE B 350 -23.17 9.97 -23.76
N LYS B 351 -23.60 10.19 -22.53
CA LYS B 351 -24.80 10.95 -22.23
C LYS B 351 -24.46 12.44 -22.16
N THR B 352 -23.22 12.72 -21.79
CA THR B 352 -22.62 14.04 -22.04
C THR B 352 -22.54 14.33 -23.56
CAI 7U6 C . 4.78 4.38 14.72
CAG 7U6 C . 3.42 4.74 15.19
NAL 7U6 C . 3.29 6.21 15.00
CAH 7U6 C . 3.08 6.56 13.59
CAJ 7U6 C . 4.07 5.82 12.66
NAT 7U6 C . 4.96 4.77 13.27
CAO 7U6 C . 5.87 4.22 12.40
OAC 7U6 C . 5.92 4.61 11.24
CAQ 7U6 C . 6.86 3.36 12.73
NAM 7U6 C . 7.49 2.51 11.92
NAK 7U6 C . 7.45 3.33 13.91
CAS 7U6 C . 8.42 2.43 13.90
CAR 7U6 C . 8.44 1.94 12.65
CAF 7U6 C . 9.31 1.00 12.32
CAD 7U6 C . 10.21 0.53 13.25
CAE 7U6 C . 10.20 1.04 14.52
CAP 7U6 C . 9.28 2.02 14.88
CAN 7U6 C . 9.34 2.51 16.23
OAB 7U6 C . 10.35 2.36 16.90
NAA 7U6 C . 8.27 3.07 16.80
CAI 7U6 D . -4.65 -2.35 -16.05
CAG 7U6 D . -3.43 -3.06 -16.48
NAL 7U6 D . -2.36 -2.06 -16.65
CAH 7U6 D . -2.07 -1.47 -15.34
CAJ 7U6 D . -3.27 -0.56 -14.97
NAT 7U6 D . -4.45 -1.44 -14.83
CAO 7U6 D . -5.19 -1.41 -13.66
OAC 7U6 D . -4.91 -0.62 -12.80
CAQ 7U6 D . -6.34 -2.07 -13.41
NAM 7U6 D . -6.97 -2.20 -12.25
NAK 7U6 D . -7.12 -2.60 -14.33
CAS 7U6 D . -8.20 -3.13 -13.81
CAR 7U6 D . -8.09 -2.87 -12.49
CAF 7U6 D . -9.05 -3.30 -11.65
CAD 7U6 D . -10.14 -3.98 -12.16
CAE 7U6 D . -10.23 -4.24 -13.52
CAP 7U6 D . -9.22 -3.79 -14.39
CAN 7U6 D . -9.35 -4.06 -15.79
OAB 7U6 D . -10.39 -4.52 -16.29
NAA 7U6 D . -8.32 -3.85 -16.64
#